data_2KJF
#
_entry.id   2KJF
#
_entity_poly.entity_id   1
_entity_poly.type   'polypeptide(L)'
_entity_poly.pdbx_seq_one_letter_code
;LVAYGIAQGTAEKVVSLINAGLTVGSIISILGGVTVGLSGVFTAVKAAIAKQGIKKAIQL
;
_entity_poly.pdbx_strand_id   A
#
# COMPACT_ATOMS: atom_id res chain seq x y z
N LEU A 1 3.02 6.07 0.04
CA LEU A 1 3.65 5.16 -0.90
C LEU A 1 4.66 5.90 -1.78
N VAL A 2 4.20 6.96 -2.43
CA VAL A 2 5.04 7.75 -3.31
C VAL A 2 6.21 8.37 -2.53
N ALA A 3 5.88 9.03 -1.42
CA ALA A 3 6.89 9.66 -0.59
C ALA A 3 7.84 8.63 0.02
N TYR A 4 7.32 7.42 0.24
CA TYR A 4 8.11 6.35 0.82
C TYR A 4 9.10 5.79 -0.20
N GLY A 5 8.59 5.50 -1.40
CA GLY A 5 9.43 4.96 -2.46
C GLY A 5 8.64 4.25 -3.53
N ILE A 6 7.47 3.74 -3.15
CA ILE A 6 6.61 3.02 -4.10
C ILE A 6 6.23 3.92 -5.27
N ALA A 7 6.31 3.37 -6.48
CA ALA A 7 5.97 4.11 -7.69
C ALA A 7 4.58 4.74 -7.56
N GLN A 8 4.44 5.95 -8.11
CA GLN A 8 3.18 6.66 -8.07
C GLN A 8 2.12 5.95 -8.91
N GLY A 9 2.53 5.46 -10.08
CA GLY A 9 1.61 4.77 -10.96
C GLY A 9 1.07 3.50 -10.34
N THR A 10 1.96 2.70 -9.76
CA THR A 10 1.58 1.44 -9.15
C THR A 10 0.90 1.68 -7.80
N ALA A 11 1.23 2.80 -7.16
CA ALA A 11 0.66 3.15 -5.87
C ALA A 11 -0.86 3.17 -5.94
N GLU A 12 -1.40 3.99 -6.83
CA GLU A 12 -2.84 4.12 -6.99
C GLU A 12 -3.48 2.74 -7.19
N LYS A 13 -2.82 1.89 -7.96
CA LYS A 13 -3.32 0.54 -8.22
C LYS A 13 -3.30 -0.30 -6.96
N VAL A 14 -2.17 -0.27 -6.25
CA VAL A 14 -2.01 -1.04 -5.02
C VAL A 14 -3.04 -0.62 -3.97
N VAL A 15 -3.29 0.70 -3.89
CA VAL A 15 -4.25 1.22 -2.94
C VAL A 15 -5.62 0.57 -3.11
N SER A 16 -5.98 0.30 -4.36
CA SER A 16 -7.26 -0.31 -4.67
C SER A 16 -7.39 -1.68 -4.00
N LEU A 17 -6.27 -2.40 -3.93
CA LEU A 17 -6.25 -3.72 -3.31
C LEU A 17 -6.41 -3.62 -1.80
N ILE A 18 -5.96 -2.50 -1.23
CA ILE A 18 -6.05 -2.28 0.21
C ILE A 18 -7.50 -2.18 0.64
N ASN A 19 -8.34 -1.59 -0.20
CA ASN A 19 -9.76 -1.43 0.11
C ASN A 19 -10.40 -2.79 0.39
N ALA A 20 -9.80 -3.85 -0.15
CA ALA A 20 -10.32 -5.19 0.04
C ALA A 20 -10.24 -5.61 1.50
N GLY A 21 -9.39 -4.93 2.26
CA GLY A 21 -9.23 -5.25 3.67
C GLY A 21 -8.24 -6.38 3.90
N LEU A 22 -7.68 -6.89 2.82
CA LEU A 22 -6.71 -7.99 2.91
C LEU A 22 -5.42 -7.52 3.57
N THR A 23 -4.69 -8.47 4.17
CA THR A 23 -3.44 -8.16 4.84
C THR A 23 -2.32 -7.92 3.83
N VAL A 24 -1.22 -7.35 4.30
CA VAL A 24 -0.07 -7.08 3.44
C VAL A 24 0.35 -8.33 2.67
N GLY A 25 0.13 -9.49 3.29
CA GLY A 25 0.49 -10.74 2.65
C GLY A 25 -0.09 -10.88 1.26
N SER A 26 -1.34 -10.43 1.09
CA SER A 26 -2.00 -10.50 -0.21
C SER A 26 -1.39 -9.51 -1.20
N ILE A 27 -0.83 -8.43 -0.67
CA ILE A 27 -0.20 -7.42 -1.49
C ILE A 27 1.02 -7.95 -2.22
N ILE A 28 1.96 -8.51 -1.45
CA ILE A 28 3.17 -9.07 -2.02
C ILE A 28 2.87 -10.21 -2.98
N SER A 29 1.80 -10.95 -2.69
CA SER A 29 1.39 -12.06 -3.53
C SER A 29 1.18 -11.61 -4.97
N ILE A 30 0.60 -10.42 -5.14
CA ILE A 30 0.35 -9.88 -6.47
C ILE A 30 1.63 -9.32 -7.08
N LEU A 31 2.52 -8.81 -6.24
CA LEU A 31 3.79 -8.24 -6.70
C LEU A 31 4.62 -9.30 -7.41
N GLY A 32 4.62 -10.52 -6.87
CA GLY A 32 5.38 -11.60 -7.47
C GLY A 32 6.87 -11.32 -7.48
N GLY A 33 7.44 -11.09 -6.30
CA GLY A 33 8.86 -10.81 -6.20
C GLY A 33 9.31 -10.58 -4.78
N VAL A 34 10.60 -10.34 -4.60
CA VAL A 34 11.17 -10.11 -3.27
C VAL A 34 10.85 -8.70 -2.79
N THR A 35 9.57 -8.39 -2.68
CA THR A 35 9.13 -7.07 -2.23
C THR A 35 9.06 -7.00 -0.70
N VAL A 36 9.51 -8.08 -0.05
CA VAL A 36 9.50 -8.14 1.41
C VAL A 36 10.25 -6.96 2.02
N GLY A 37 9.49 -5.96 2.47
CA GLY A 37 10.11 -4.78 3.07
C GLY A 37 9.11 -3.67 3.31
N LEU A 38 8.38 -3.29 2.26
CA LEU A 38 7.39 -2.23 2.36
C LEU A 38 6.27 -2.62 3.33
N SER A 39 6.17 -3.91 3.61
CA SER A 39 5.14 -4.41 4.52
C SER A 39 5.22 -3.71 5.87
N GLY A 40 6.42 -3.22 6.20
CA GLY A 40 6.62 -2.54 7.47
C GLY A 40 5.93 -1.17 7.51
N VAL A 41 5.75 -0.59 6.34
CA VAL A 41 5.10 0.72 6.24
C VAL A 41 3.67 0.59 5.72
N PHE A 42 3.41 -0.49 4.99
CA PHE A 42 2.08 -0.73 4.44
C PHE A 42 1.04 -0.85 5.55
N THR A 43 1.42 -1.47 6.66
CA THR A 43 0.53 -1.64 7.79
C THR A 43 0.09 -0.30 8.35
N ALA A 44 1.05 0.61 8.53
CA ALA A 44 0.75 1.93 9.06
C ALA A 44 -0.11 2.74 8.09
N VAL A 45 0.08 2.51 6.79
CA VAL A 45 -0.68 3.21 5.77
C VAL A 45 -2.16 2.87 5.86
N LYS A 46 -2.46 1.62 6.19
CA LYS A 46 -3.84 1.16 6.31
C LYS A 46 -4.63 2.07 7.25
N ALA A 47 -4.09 2.32 8.43
CA ALA A 47 -4.76 3.17 9.41
C ALA A 47 -4.86 4.61 8.89
N ALA A 48 -3.90 5.01 8.07
CA ALA A 48 -3.90 6.34 7.50
C ALA A 48 -5.18 6.63 6.73
N ILE A 49 -5.65 5.63 5.98
CA ILE A 49 -6.87 5.77 5.20
C ILE A 49 -8.05 6.17 6.08
N ALA A 50 -8.31 5.38 7.11
CA ALA A 50 -9.41 5.66 8.03
C ALA A 50 -9.16 6.95 8.81
N LYS A 51 -7.88 7.32 8.95
CA LYS A 51 -7.51 8.52 9.66
C LYS A 51 -7.77 9.77 8.82
N GLN A 52 -7.59 9.62 7.51
CA GLN A 52 -7.81 10.74 6.58
C GLN A 52 -8.57 10.27 5.34
N GLY A 53 -7.87 9.54 4.48
CA GLY A 53 -8.49 9.05 3.26
C GLY A 53 -7.50 8.31 2.36
N ILE A 54 -8.02 7.40 1.55
CA ILE A 54 -7.18 6.62 0.65
C ILE A 54 -6.28 7.52 -0.18
N LYS A 55 -6.81 8.69 -0.54
CA LYS A 55 -6.05 9.66 -1.34
C LYS A 55 -4.72 10.00 -0.66
N LYS A 56 -4.77 10.24 0.64
CA LYS A 56 -3.58 10.57 1.41
C LYS A 56 -2.56 9.44 1.34
N ALA A 57 -3.04 8.21 1.35
CA ALA A 57 -2.18 7.04 1.29
C ALA A 57 -1.28 7.10 0.06
N ILE A 58 -1.78 7.67 -1.02
CA ILE A 58 -1.03 7.78 -2.26
C ILE A 58 0.29 8.51 -2.04
N GLN A 59 0.20 9.73 -1.52
CA GLN A 59 1.38 10.53 -1.25
C GLN A 59 2.35 9.78 -0.35
N LEU A 60 1.82 8.93 0.51
CA LEU A 60 2.64 8.14 1.43
C LEU A 60 3.52 7.16 0.67
N LEU A 1 2.77 5.91 0.03
CA LEU A 1 3.42 4.97 -0.86
C LEU A 1 4.50 5.66 -1.69
N VAL A 2 4.10 6.72 -2.38
CA VAL A 2 5.03 7.48 -3.22
C VAL A 2 6.14 8.11 -2.38
N ALA A 3 5.74 8.78 -1.30
CA ALA A 3 6.70 9.43 -0.41
C ALA A 3 7.61 8.41 0.26
N TYR A 4 7.07 7.21 0.49
CA TYR A 4 7.84 6.15 1.13
C TYR A 4 8.85 5.55 0.17
N GLY A 5 8.40 5.19 -1.02
CA GLY A 5 9.28 4.61 -2.03
C GLY A 5 8.57 3.63 -2.94
N ILE A 6 7.47 4.08 -3.53
CA ILE A 6 6.69 3.23 -4.43
C ILE A 6 6.21 4.02 -5.64
N ALA A 7 6.19 3.37 -6.80
CA ALA A 7 5.74 4.00 -8.03
C ALA A 7 4.38 4.65 -7.85
N GLN A 8 4.26 5.90 -8.30
CA GLN A 8 2.99 6.63 -8.19
C GLN A 8 1.93 6.01 -9.08
N GLY A 9 2.23 5.90 -10.37
CA GLY A 9 1.27 5.32 -11.31
C GLY A 9 0.77 3.96 -10.86
N THR A 10 1.67 3.13 -10.34
CA THR A 10 1.31 1.81 -9.88
C THR A 10 0.62 1.86 -8.52
N ALA A 11 1.03 2.81 -7.69
CA ALA A 11 0.44 2.97 -6.37
C ALA A 11 -1.07 3.13 -6.46
N GLU A 12 -1.52 3.85 -7.47
CA GLU A 12 -2.95 4.08 -7.66
C GLU A 12 -3.72 2.76 -7.73
N LYS A 13 -3.31 1.90 -8.65
CA LYS A 13 -3.96 0.60 -8.82
C LYS A 13 -3.80 -0.25 -7.56
N VAL A 14 -2.64 -0.14 -6.93
CA VAL A 14 -2.37 -0.89 -5.70
C VAL A 14 -3.36 -0.54 -4.60
N VAL A 15 -3.76 0.73 -4.56
CA VAL A 15 -4.71 1.20 -3.56
C VAL A 15 -5.99 0.38 -3.59
N SER A 16 -6.35 -0.12 -4.76
CA SER A 16 -7.55 -0.92 -4.92
C SER A 16 -7.50 -2.16 -4.02
N LEU A 17 -6.35 -2.80 -3.97
CA LEU A 17 -6.17 -3.99 -3.16
C LEU A 17 -6.14 -3.64 -1.68
N ILE A 18 -5.51 -2.52 -1.35
CA ILE A 18 -5.42 -2.07 0.03
C ILE A 18 -6.81 -1.71 0.59
N ASN A 19 -7.55 -0.91 -0.17
CA ASN A 19 -8.88 -0.49 0.23
C ASN A 19 -9.77 -1.71 0.48
N ALA A 20 -9.47 -2.81 -0.19
CA ALA A 20 -10.25 -4.04 -0.04
C ALA A 20 -10.12 -4.59 1.38
N GLY A 21 -9.08 -4.17 2.08
CA GLY A 21 -8.86 -4.64 3.44
C GLY A 21 -7.98 -5.88 3.49
N LEU A 22 -7.26 -6.14 2.41
CA LEU A 22 -6.38 -7.30 2.34
C LEU A 22 -5.13 -7.08 3.17
N THR A 23 -4.62 -8.14 3.78
CA THR A 23 -3.42 -8.07 4.60
C THR A 23 -2.17 -8.00 3.73
N VAL A 24 -1.08 -7.49 4.30
CA VAL A 24 0.18 -7.36 3.58
C VAL A 24 0.57 -8.68 2.94
N GLY A 25 0.18 -9.79 3.56
CA GLY A 25 0.49 -11.10 3.03
C GLY A 25 0.03 -11.28 1.60
N SER A 26 -1.25 -10.99 1.35
CA SER A 26 -1.82 -11.13 0.01
C SER A 26 -1.15 -10.17 -0.96
N ILE A 27 -0.65 -9.06 -0.43
CA ILE A 27 0.03 -8.06 -1.26
C ILE A 27 1.30 -8.61 -1.88
N ILE A 28 2.06 -9.35 -1.08
CA ILE A 28 3.30 -9.95 -1.56
C ILE A 28 3.04 -10.91 -2.72
N SER A 29 1.93 -11.63 -2.66
CA SER A 29 1.57 -12.58 -3.71
C SER A 29 1.34 -11.86 -5.03
N ILE A 30 0.87 -10.62 -4.94
CA ILE A 30 0.60 -9.82 -6.14
C ILE A 30 1.89 -9.42 -6.84
N LEU A 31 2.73 -8.67 -6.12
CA LEU A 31 4.01 -8.22 -6.67
C LEU A 31 4.79 -9.39 -7.24
N GLY A 32 4.79 -10.51 -6.52
CA GLY A 32 5.52 -11.69 -6.98
C GLY A 32 7.01 -11.56 -6.77
N GLY A 33 7.41 -10.63 -5.91
CA GLY A 33 8.83 -10.43 -5.64
C GLY A 33 9.12 -10.23 -4.16
N VAL A 34 10.38 -9.98 -3.84
CA VAL A 34 10.79 -9.78 -2.45
C VAL A 34 10.41 -8.38 -1.98
N THR A 35 9.13 -8.05 -2.03
CA THR A 35 8.64 -6.75 -1.60
C THR A 35 8.33 -6.75 -0.12
N VAL A 36 8.70 -7.83 0.57
CA VAL A 36 8.46 -7.94 2.00
C VAL A 36 9.06 -6.75 2.75
N GLY A 37 10.07 -6.14 2.17
CA GLY A 37 10.72 -5.00 2.79
C GLY A 37 9.79 -3.81 2.93
N LEU A 38 9.08 -3.50 1.86
CA LEU A 38 8.14 -2.37 1.85
C LEU A 38 6.98 -2.63 2.80
N SER A 39 6.67 -3.91 3.03
CA SER A 39 5.58 -4.29 3.91
C SER A 39 5.72 -3.61 5.26
N GLY A 40 6.96 -3.34 5.66
CA GLY A 40 7.21 -2.70 6.94
C GLY A 40 6.40 -1.42 7.12
N VAL A 41 6.16 -0.72 6.01
CA VAL A 41 5.41 0.52 6.05
C VAL A 41 3.99 0.33 5.49
N PHE A 42 3.85 -0.68 4.64
CA PHE A 42 2.55 -0.98 4.04
C PHE A 42 1.48 -1.12 5.11
N THR A 43 1.83 -1.76 6.21
CA THR A 43 0.89 -1.96 7.32
C THR A 43 0.41 -0.64 7.88
N ALA A 44 1.35 0.27 8.14
CA ALA A 44 1.03 1.58 8.68
C ALA A 44 0.23 2.41 7.68
N VAL A 45 0.51 2.22 6.40
CA VAL A 45 -0.18 2.93 5.34
C VAL A 45 -1.67 2.59 5.32
N LYS A 46 -1.96 1.29 5.37
CA LYS A 46 -3.35 0.83 5.36
C LYS A 46 -4.16 1.51 6.46
N ALA A 47 -3.66 1.45 7.68
CA ALA A 47 -4.34 2.05 8.82
C ALA A 47 -4.43 3.57 8.64
N ALA A 48 -3.41 4.15 8.03
CA ALA A 48 -3.37 5.59 7.81
C ALA A 48 -4.59 6.06 7.02
N ILE A 49 -5.08 5.20 6.12
CA ILE A 49 -6.24 5.52 5.31
C ILE A 49 -7.44 5.88 6.18
N ALA A 50 -7.79 4.98 7.09
CA ALA A 50 -8.92 5.20 7.99
C ALA A 50 -8.65 6.37 8.93
N LYS A 51 -7.38 6.67 9.14
CA LYS A 51 -6.99 7.77 10.02
C LYS A 51 -7.17 9.12 9.32
N GLN A 52 -6.77 9.18 8.05
CA GLN A 52 -6.89 10.41 7.28
C GLN A 52 -7.80 10.19 6.06
N GLY A 53 -7.30 9.44 5.09
CA GLY A 53 -8.08 9.18 3.89
C GLY A 53 -7.27 8.49 2.81
N ILE A 54 -7.95 7.77 1.93
CA ILE A 54 -7.28 7.07 0.83
C ILE A 54 -6.36 8.00 0.05
N LYS A 55 -6.77 9.26 -0.06
CA LYS A 55 -5.98 10.26 -0.78
C LYS A 55 -4.57 10.34 -0.21
N LYS A 56 -4.47 10.59 1.08
CA LYS A 56 -3.17 10.69 1.75
C LYS A 56 -2.37 9.41 1.57
N ALA A 57 -3.07 8.30 1.40
CA ALA A 57 -2.42 7.00 1.21
C ALA A 57 -1.53 7.01 -0.03
N ILE A 58 -2.03 7.61 -1.10
CA ILE A 58 -1.28 7.67 -2.35
C ILE A 58 0.06 8.35 -2.14
N GLN A 59 0.03 9.61 -1.69
CA GLN A 59 1.25 10.36 -1.44
C GLN A 59 2.17 9.62 -0.48
N LEU A 60 1.58 8.79 0.37
CA LEU A 60 2.35 8.03 1.35
C LEU A 60 3.24 7.02 0.65
N LEU A 1 2.84 5.99 0.42
CA LEU A 1 3.46 4.90 -0.33
C LEU A 1 4.42 5.44 -1.38
N VAL A 2 3.94 6.35 -2.21
CA VAL A 2 4.76 6.96 -3.26
C VAL A 2 5.92 7.75 -2.65
N ALA A 3 5.61 8.62 -1.70
CA ALA A 3 6.61 9.44 -1.04
C ALA A 3 7.59 8.56 -0.25
N TYR A 4 7.09 7.46 0.28
CA TYR A 4 7.92 6.54 1.06
C TYR A 4 8.85 5.74 0.15
N GLY A 5 8.28 5.21 -0.94
CA GLY A 5 9.08 4.43 -1.87
C GLY A 5 8.25 3.40 -2.61
N ILE A 6 7.21 3.87 -3.31
CA ILE A 6 6.34 2.98 -4.05
C ILE A 6 6.02 3.57 -5.43
N ALA A 7 5.98 2.70 -6.44
CA ALA A 7 5.69 3.12 -7.80
C ALA A 7 4.41 3.94 -7.85
N GLN A 8 4.46 5.06 -8.58
CA GLN A 8 3.30 5.93 -8.70
C GLN A 8 2.19 5.25 -9.51
N GLY A 9 2.51 4.84 -10.73
CA GLY A 9 1.53 4.18 -11.57
C GLY A 9 0.99 2.91 -10.94
N THR A 10 1.85 2.16 -10.27
CA THR A 10 1.44 0.92 -9.62
C THR A 10 0.65 1.19 -8.35
N ALA A 11 1.01 2.28 -7.66
CA ALA A 11 0.33 2.66 -6.44
C ALA A 11 -1.18 2.70 -6.63
N GLU A 12 -1.61 3.28 -7.75
CA GLU A 12 -3.03 3.39 -8.05
C GLU A 12 -3.72 2.03 -7.93
N LYS A 13 -3.17 1.04 -8.62
CA LYS A 13 -3.72 -0.31 -8.59
C LYS A 13 -3.56 -0.94 -7.22
N VAL A 14 -2.39 -0.75 -6.62
CA VAL A 14 -2.10 -1.30 -5.30
C VAL A 14 -3.13 -0.85 -4.28
N VAL A 15 -3.43 0.45 -4.27
CA VAL A 15 -4.40 1.01 -3.34
C VAL A 15 -5.74 0.30 -3.47
N SER A 16 -6.13 0.00 -4.71
CA SER A 16 -7.40 -0.67 -4.97
C SER A 16 -7.52 -1.94 -4.13
N LEU A 17 -6.41 -2.67 -4.00
CA LEU A 17 -6.40 -3.90 -3.22
C LEU A 17 -6.52 -3.61 -1.73
N ILE A 18 -6.00 -2.47 -1.31
CA ILE A 18 -6.06 -2.06 0.09
C ILE A 18 -7.49 -1.83 0.54
N ASN A 19 -8.23 -1.05 -0.24
CA ASN A 19 -9.62 -0.75 0.08
C ASN A 19 -10.45 -2.03 0.19
N ALA A 20 -10.00 -3.08 -0.50
CA ALA A 20 -10.68 -4.36 -0.48
C ALA A 20 -10.67 -4.98 0.92
N GLY A 21 -9.72 -4.52 1.75
CA GLY A 21 -9.61 -5.04 3.10
C GLY A 21 -8.68 -6.23 3.19
N LEU A 22 -7.88 -6.44 2.14
CA LEU A 22 -6.94 -7.55 2.10
C LEU A 22 -5.74 -7.27 2.99
N THR A 23 -5.02 -8.33 3.37
CA THR A 23 -3.85 -8.20 4.22
C THR A 23 -2.61 -7.86 3.39
N VAL A 24 -1.63 -7.24 4.04
CA VAL A 24 -0.39 -6.86 3.37
C VAL A 24 0.22 -8.05 2.63
N GLY A 25 -0.01 -9.25 3.15
CA GLY A 25 0.52 -10.45 2.53
C GLY A 25 0.07 -10.59 1.08
N SER A 26 -1.20 -10.29 0.82
CA SER A 26 -1.75 -10.40 -0.52
C SER A 26 -1.11 -9.37 -1.46
N ILE A 27 -0.65 -8.28 -0.88
CA ILE A 27 -0.01 -7.22 -1.66
C ILE A 27 1.24 -7.74 -2.37
N ILE A 28 2.15 -8.30 -1.59
CA ILE A 28 3.40 -8.84 -2.14
C ILE A 28 3.11 -9.95 -3.16
N SER A 29 2.04 -10.70 -2.91
CA SER A 29 1.67 -11.79 -3.80
C SER A 29 1.38 -11.27 -5.21
N ILE A 30 0.61 -10.20 -5.30
CA ILE A 30 0.27 -9.60 -6.58
C ILE A 30 1.42 -8.79 -7.14
N LEU A 31 2.26 -8.25 -6.24
CA LEU A 31 3.41 -7.45 -6.65
C LEU A 31 4.44 -8.31 -7.38
N GLY A 32 4.66 -9.52 -6.87
CA GLY A 32 5.62 -10.42 -7.49
C GLY A 32 7.05 -9.97 -7.28
N GLY A 33 7.45 -9.84 -6.02
CA GLY A 33 8.81 -9.42 -5.70
C GLY A 33 9.06 -9.37 -4.21
N VAL A 34 10.30 -9.04 -3.84
CA VAL A 34 10.68 -8.95 -2.43
C VAL A 34 10.17 -7.65 -1.81
N THR A 35 8.86 -7.46 -1.83
CA THR A 35 8.25 -6.26 -1.27
C THR A 35 7.97 -6.43 0.22
N VAL A 36 8.45 -7.53 0.78
CA VAL A 36 8.26 -7.81 2.20
C VAL A 36 8.82 -6.68 3.07
N GLY A 37 9.76 -5.93 2.50
CA GLY A 37 10.36 -4.82 3.24
C GLY A 37 9.42 -3.64 3.36
N LEU A 38 8.83 -3.24 2.25
CA LEU A 38 7.91 -2.10 2.23
C LEU A 38 6.64 -2.42 3.04
N SER A 39 6.32 -3.70 3.14
CA SER A 39 5.15 -4.14 3.88
C SER A 39 5.17 -3.61 5.31
N GLY A 40 6.38 -3.36 5.82
CA GLY A 40 6.52 -2.86 7.18
C GLY A 40 5.76 -1.57 7.41
N VAL A 41 5.63 -0.78 6.34
CA VAL A 41 4.91 0.50 6.43
C VAL A 41 3.54 0.40 5.78
N PHE A 42 3.40 -0.55 4.86
CA PHE A 42 2.13 -0.74 4.16
C PHE A 42 0.97 -0.88 5.15
N THR A 43 1.12 -1.82 6.08
CA THR A 43 0.09 -2.06 7.09
C THR A 43 -0.26 -0.78 7.84
N ALA A 44 0.76 0.01 8.16
CA ALA A 44 0.56 1.27 8.87
C ALA A 44 -0.20 2.27 8.01
N VAL A 45 0.05 2.24 6.70
CA VAL A 45 -0.60 3.14 5.77
C VAL A 45 -2.11 2.90 5.73
N LYS A 46 -2.49 1.63 5.81
CA LYS A 46 -3.90 1.26 5.79
C LYS A 46 -4.69 2.04 6.83
N ALA A 47 -4.17 2.06 8.05
CA ALA A 47 -4.83 2.78 9.15
C ALA A 47 -4.87 4.28 8.86
N ALA A 48 -3.88 4.77 8.14
CA ALA A 48 -3.80 6.19 7.80
C ALA A 48 -5.04 6.63 7.03
N ILE A 49 -5.62 5.70 6.27
CA ILE A 49 -6.82 6.00 5.49
C ILE A 49 -7.94 6.55 6.36
N ALA A 50 -8.28 5.80 7.40
CA ALA A 50 -9.34 6.21 8.32
C ALA A 50 -8.94 7.47 9.08
N LYS A 51 -7.64 7.70 9.20
CA LYS A 51 -7.13 8.86 9.91
C LYS A 51 -7.26 10.12 9.05
N GLN A 52 -7.00 9.96 7.75
CA GLN A 52 -7.09 11.09 6.83
C GLN A 52 -7.92 10.72 5.60
N GLY A 53 -7.39 9.82 4.77
CA GLY A 53 -8.11 9.40 3.59
C GLY A 53 -7.23 8.60 2.63
N ILE A 54 -7.86 7.78 1.80
CA ILE A 54 -7.13 6.96 0.84
C ILE A 54 -6.21 7.81 -0.01
N LYS A 55 -6.67 8.99 -0.40
CA LYS A 55 -5.89 9.91 -1.22
C LYS A 55 -4.53 10.18 -0.58
N LYS A 56 -4.54 10.45 0.72
CA LYS A 56 -3.31 10.72 1.46
C LYS A 56 -2.42 9.49 1.50
N ALA A 57 -3.04 8.31 1.55
CA ALA A 57 -2.30 7.06 1.59
C ALA A 57 -1.45 6.88 0.35
N ILE A 58 -2.01 7.22 -0.80
CA ILE A 58 -1.31 7.09 -2.07
C ILE A 58 0.00 7.88 -2.05
N GLN A 59 -0.10 9.18 -1.78
CA GLN A 59 1.07 10.03 -1.73
C GLN A 59 2.09 9.52 -0.72
N LEU A 60 1.59 8.85 0.31
CA LEU A 60 2.45 8.30 1.36
C LEU A 60 3.34 7.19 0.80
N LEU A 1 2.64 6.03 0.11
CA LEU A 1 3.27 5.07 -0.80
C LEU A 1 4.27 5.77 -1.72
N VAL A 2 3.81 6.80 -2.41
CA VAL A 2 4.66 7.55 -3.32
C VAL A 2 5.80 8.24 -2.57
N ALA A 3 5.44 8.95 -1.50
CA ALA A 3 6.43 9.66 -0.69
C ALA A 3 7.39 8.68 -0.02
N TYR A 4 6.90 7.48 0.26
CA TYR A 4 7.71 6.45 0.90
C TYR A 4 8.73 5.87 -0.08
N GLY A 5 8.25 5.50 -1.26
CA GLY A 5 9.13 4.93 -2.27
C GLY A 5 8.37 4.15 -3.32
N ILE A 6 7.20 3.62 -2.93
CA ILE A 6 6.38 2.83 -3.85
C ILE A 6 5.98 3.66 -5.07
N ALA A 7 6.20 3.09 -6.26
CA ALA A 7 5.86 3.78 -7.50
C ALA A 7 4.42 4.28 -7.47
N GLN A 8 4.22 5.50 -7.97
CA GLN A 8 2.89 6.10 -8.00
C GLN A 8 1.98 5.36 -8.98
N GLY A 9 2.54 5.02 -10.15
CA GLY A 9 1.77 4.32 -11.16
C GLY A 9 1.11 3.06 -10.62
N THR A 10 1.91 2.22 -9.96
CA THR A 10 1.41 0.98 -9.40
C THR A 10 0.63 1.23 -8.12
N ALA A 11 1.04 2.24 -7.37
CA ALA A 11 0.38 2.59 -6.11
C ALA A 11 -1.12 2.76 -6.31
N GLU A 12 -1.49 3.52 -7.33
CA GLU A 12 -2.90 3.76 -7.64
C GLU A 12 -3.67 2.45 -7.75
N LYS A 13 -3.12 1.51 -8.50
CA LYS A 13 -3.75 0.20 -8.69
C LYS A 13 -3.74 -0.59 -7.39
N VAL A 14 -2.63 -0.51 -6.66
CA VAL A 14 -2.49 -1.22 -5.39
C VAL A 14 -3.54 -0.77 -4.39
N VAL A 15 -3.88 0.52 -4.43
CA VAL A 15 -4.87 1.08 -3.52
C VAL A 15 -6.19 0.33 -3.62
N SER A 16 -6.62 0.04 -4.84
CA SER A 16 -7.87 -0.68 -5.07
C SER A 16 -7.88 -2.00 -4.30
N LEU A 17 -6.71 -2.62 -4.18
CA LEU A 17 -6.59 -3.89 -3.46
C LEU A 17 -6.76 -3.69 -1.97
N ILE A 18 -6.27 -2.55 -1.47
CA ILE A 18 -6.36 -2.24 -0.05
C ILE A 18 -7.81 -2.06 0.38
N ASN A 19 -8.55 -1.24 -0.36
CA ASN A 19 -9.95 -0.99 -0.06
C ASN A 19 -10.75 -2.28 -0.07
N ALA A 20 -10.30 -3.24 -0.87
CA ALA A 20 -10.98 -4.53 -0.97
C ALA A 20 -10.91 -5.29 0.35
N GLY A 21 -9.96 -4.90 1.21
CA GLY A 21 -9.81 -5.56 2.49
C GLY A 21 -8.66 -6.55 2.51
N LEU A 22 -7.76 -6.43 1.55
CA LEU A 22 -6.61 -7.33 1.44
C LEU A 22 -5.57 -6.99 2.51
N THR A 23 -5.03 -8.02 3.15
CA THR A 23 -4.02 -7.84 4.19
C THR A 23 -2.63 -7.69 3.58
N VAL A 24 -1.71 -7.14 4.35
CA VAL A 24 -0.33 -6.94 3.89
C VAL A 24 0.24 -8.24 3.31
N GLY A 25 -0.21 -9.36 3.85
CA GLY A 25 0.27 -10.65 3.37
C GLY A 25 -0.13 -10.93 1.94
N SER A 26 -1.36 -10.56 1.58
CA SER A 26 -1.87 -10.77 0.23
C SER A 26 -1.17 -9.84 -0.76
N ILE A 27 -0.81 -8.65 -0.30
CA ILE A 27 -0.13 -7.68 -1.15
C ILE A 27 1.19 -8.22 -1.66
N ILE A 28 2.05 -8.65 -0.74
CA ILE A 28 3.35 -9.20 -1.11
C ILE A 28 3.20 -10.32 -2.14
N SER A 29 2.12 -11.08 -2.02
CA SER A 29 1.86 -12.19 -2.92
C SER A 29 1.67 -11.69 -4.36
N ILE A 30 1.14 -10.48 -4.48
CA ILE A 30 0.91 -9.89 -5.79
C ILE A 30 2.22 -9.53 -6.48
N LEU A 31 2.99 -8.64 -5.85
CA LEU A 31 4.27 -8.22 -6.41
C LEU A 31 5.24 -9.39 -6.49
N GLY A 32 5.27 -10.22 -5.45
CA GLY A 32 6.15 -11.37 -5.43
C GLY A 32 7.58 -11.01 -5.80
N GLY A 33 8.17 -10.09 -5.03
CA GLY A 33 9.54 -9.68 -5.30
C GLY A 33 10.28 -9.29 -4.04
N VAL A 34 11.19 -8.32 -4.16
CA VAL A 34 11.97 -7.86 -3.02
C VAL A 34 11.15 -6.91 -2.15
N THR A 35 9.91 -6.63 -2.56
CA THR A 35 9.04 -5.75 -1.82
C THR A 35 8.42 -6.46 -0.62
N VAL A 36 8.73 -7.74 -0.48
CA VAL A 36 8.22 -8.54 0.63
C VAL A 36 8.58 -7.90 1.97
N GLY A 37 9.64 -7.11 1.98
CA GLY A 37 10.07 -6.46 3.20
C GLY A 37 9.45 -5.09 3.38
N LEU A 38 9.21 -4.40 2.26
CA LEU A 38 8.61 -3.07 2.30
C LEU A 38 7.18 -3.13 2.81
N SER A 39 6.57 -4.31 2.73
CA SER A 39 5.20 -4.49 3.19
C SER A 39 5.07 -4.13 4.67
N GLY A 40 6.19 -4.17 5.38
CA GLY A 40 6.19 -3.84 6.80
C GLY A 40 5.54 -2.50 7.08
N VAL A 41 5.59 -1.61 6.10
CA VAL A 41 5.01 -0.28 6.25
C VAL A 41 3.58 -0.24 5.72
N PHE A 42 3.24 -1.21 4.88
CA PHE A 42 1.90 -1.28 4.32
C PHE A 42 0.83 -1.31 5.42
N THR A 43 1.14 -2.01 6.50
CA THR A 43 0.21 -2.11 7.63
C THR A 43 -0.12 -0.74 8.20
N ALA A 44 0.90 0.08 8.41
CA ALA A 44 0.71 1.43 8.95
C ALA A 44 -0.04 2.30 7.95
N VAL A 45 0.14 2.03 6.67
CA VAL A 45 -0.53 2.79 5.63
C VAL A 45 -2.04 2.59 5.66
N LYS A 46 -2.45 1.33 5.83
CA LYS A 46 -3.88 1.00 5.89
C LYS A 46 -4.58 1.83 6.96
N ALA A 47 -3.99 1.87 8.15
CA ALA A 47 -4.56 2.62 9.26
C ALA A 47 -4.68 4.10 8.92
N ALA A 48 -3.77 4.58 8.08
CA ALA A 48 -3.77 5.98 7.67
C ALA A 48 -5.08 6.35 6.98
N ILE A 49 -5.62 5.42 6.21
CA ILE A 49 -6.87 5.66 5.50
C ILE A 49 -7.99 6.05 6.46
N ALA A 50 -8.23 5.20 7.46
CA ALA A 50 -9.26 5.46 8.45
C ALA A 50 -8.91 6.69 9.29
N LYS A 51 -7.63 7.01 9.36
CA LYS A 51 -7.18 8.17 10.13
C LYS A 51 -7.45 9.46 9.38
N GLN A 52 -7.29 9.43 8.05
CA GLN A 52 -7.52 10.60 7.22
C GLN A 52 -8.35 10.24 5.99
N GLY A 53 -7.76 9.45 5.10
CA GLY A 53 -8.45 9.04 3.89
C GLY A 53 -7.54 8.36 2.89
N ILE A 54 -8.13 7.54 2.02
CA ILE A 54 -7.36 6.83 1.01
C ILE A 54 -6.46 7.78 0.22
N LYS A 55 -6.93 9.01 0.04
CA LYS A 55 -6.18 10.01 -0.69
C LYS A 55 -4.81 10.22 -0.06
N LYS A 56 -4.76 10.26 1.26
CA LYS A 56 -3.51 10.45 1.98
C LYS A 56 -2.58 9.25 1.79
N ALA A 57 -3.17 8.07 1.71
CA ALA A 57 -2.40 6.84 1.52
C ALA A 57 -1.60 6.88 0.23
N ILE A 58 -2.22 7.44 -0.82
CA ILE A 58 -1.57 7.54 -2.12
C ILE A 58 -0.24 8.29 -2.02
N GLN A 59 -0.30 9.53 -1.56
CA GLN A 59 0.89 10.34 -1.41
C GLN A 59 1.90 9.68 -0.48
N LEU A 60 1.39 8.86 0.43
CA LEU A 60 2.24 8.16 1.39
C LEU A 60 3.14 7.15 0.68
N LEU A 1 2.96 5.90 0.01
CA LEU A 1 3.51 4.98 -0.99
C LEU A 1 4.49 5.70 -1.91
N VAL A 2 4.04 6.79 -2.51
CA VAL A 2 4.88 7.57 -3.41
C VAL A 2 6.09 8.15 -2.68
N ALA A 3 5.83 8.80 -1.55
CA ALA A 3 6.90 9.39 -0.74
C ALA A 3 7.83 8.32 -0.20
N TYR A 4 7.30 7.12 0.02
CA TYR A 4 8.09 6.02 0.55
C TYR A 4 9.02 5.46 -0.52
N GLY A 5 8.47 5.20 -1.71
CA GLY A 5 9.27 4.68 -2.80
C GLY A 5 8.42 4.01 -3.86
N ILE A 6 7.27 3.51 -3.47
CA ILE A 6 6.36 2.85 -4.40
C ILE A 6 5.97 3.79 -5.54
N ALA A 7 5.95 3.25 -6.76
CA ALA A 7 5.59 4.04 -7.93
C ALA A 7 4.27 4.76 -7.73
N GLN A 8 4.21 6.00 -8.18
CA GLN A 8 3.00 6.81 -8.05
C GLN A 8 1.87 6.25 -8.91
N GLY A 9 2.21 5.87 -10.14
CA GLY A 9 1.21 5.31 -11.04
C GLY A 9 0.60 4.03 -10.52
N THR A 10 1.45 3.12 -10.05
CA THR A 10 0.98 1.85 -9.52
C THR A 10 0.40 2.01 -8.11
N ALA A 11 0.85 3.04 -7.41
CA ALA A 11 0.38 3.31 -6.06
C ALA A 11 -1.15 3.35 -6.01
N GLU A 12 -1.75 3.88 -7.06
CA GLU A 12 -3.21 3.98 -7.14
C GLU A 12 -3.83 2.61 -7.37
N LYS A 13 -3.13 1.76 -8.11
CA LYS A 13 -3.60 0.42 -8.40
C LYS A 13 -3.61 -0.45 -7.16
N VAL A 14 -2.47 -0.54 -6.49
CA VAL A 14 -2.34 -1.32 -5.27
C VAL A 14 -3.43 -0.96 -4.26
N VAL A 15 -3.79 0.31 -4.22
CA VAL A 15 -4.81 0.79 -3.31
C VAL A 15 -6.11 0.01 -3.48
N SER A 16 -6.40 -0.38 -4.72
CA SER A 16 -7.62 -1.13 -5.02
C SER A 16 -7.64 -2.44 -4.24
N LEU A 17 -6.48 -3.07 -4.10
CA LEU A 17 -6.38 -4.33 -3.38
C LEU A 17 -6.56 -4.12 -1.89
N ILE A 18 -6.19 -2.93 -1.41
CA ILE A 18 -6.32 -2.60 0.00
C ILE A 18 -7.78 -2.56 0.43
N ASN A 19 -8.60 -1.84 -0.34
CA ASN A 19 -10.01 -1.72 -0.04
C ASN A 19 -10.67 -3.10 0.05
N ALA A 20 -10.13 -4.06 -0.70
CA ALA A 20 -10.66 -5.41 -0.69
C ALA A 20 -10.49 -6.07 0.67
N GLY A 21 -9.58 -5.53 1.47
CA GLY A 21 -9.33 -6.08 2.79
C GLY A 21 -8.17 -7.05 2.80
N LEU A 22 -7.33 -6.99 1.77
CA LEU A 22 -6.18 -7.89 1.67
C LEU A 22 -5.07 -7.45 2.63
N THR A 23 -4.49 -8.41 3.33
CA THR A 23 -3.42 -8.12 4.28
C THR A 23 -2.10 -7.87 3.55
N VAL A 24 -1.20 -7.16 4.22
CA VAL A 24 0.10 -6.83 3.64
C VAL A 24 0.79 -8.09 3.11
N GLY A 25 0.51 -9.22 3.74
CA GLY A 25 1.11 -10.47 3.33
C GLY A 25 0.82 -10.80 1.87
N SER A 26 -0.45 -10.66 1.49
CA SER A 26 -0.86 -10.95 0.12
C SER A 26 -0.33 -9.90 -0.85
N ILE A 27 -0.11 -8.69 -0.33
CA ILE A 27 0.40 -7.60 -1.15
C ILE A 27 1.77 -7.94 -1.74
N ILE A 28 2.61 -8.57 -0.93
CA ILE A 28 3.94 -8.96 -1.38
C ILE A 28 3.87 -9.93 -2.55
N SER A 29 2.98 -10.91 -2.45
CA SER A 29 2.81 -11.91 -3.50
C SER A 29 2.32 -11.25 -4.79
N ILE A 30 1.33 -10.38 -4.67
CA ILE A 30 0.78 -9.68 -5.82
C ILE A 30 1.77 -8.67 -6.39
N LEU A 31 2.65 -8.17 -5.53
CA LEU A 31 3.65 -7.20 -5.94
C LEU A 31 4.52 -7.76 -7.06
N GLY A 32 4.58 -9.09 -7.15
CA GLY A 32 5.39 -9.73 -8.18
C GLY A 32 6.82 -9.95 -7.74
N GLY A 33 7.02 -10.13 -6.44
CA GLY A 33 8.35 -10.36 -5.92
C GLY A 33 8.46 -10.02 -4.45
N VAL A 34 9.23 -10.82 -3.71
CA VAL A 34 9.42 -10.60 -2.28
C VAL A 34 10.25 -9.35 -2.03
N THR A 35 9.57 -8.27 -1.65
CA THR A 35 10.25 -7.01 -1.36
C THR A 35 10.82 -6.99 0.04
N VAL A 36 10.10 -7.60 0.98
CA VAL A 36 10.54 -7.65 2.36
C VAL A 36 10.93 -6.27 2.88
N GLY A 37 9.94 -5.38 2.96
CA GLY A 37 10.20 -4.03 3.44
C GLY A 37 8.98 -3.13 3.33
N LEU A 38 8.57 -2.85 2.10
CA LEU A 38 7.41 -2.01 1.86
C LEU A 38 6.16 -2.59 2.51
N SER A 39 6.20 -3.89 2.79
CA SER A 39 5.06 -4.57 3.41
C SER A 39 4.89 -4.13 4.85
N GLY A 40 6.01 -4.04 5.58
CA GLY A 40 5.95 -3.63 6.97
C GLY A 40 5.38 -2.24 7.15
N VAL A 41 5.56 -1.40 6.13
CA VAL A 41 5.05 -0.03 6.17
C VAL A 41 3.67 0.08 5.54
N PHE A 42 3.35 -0.90 4.69
CA PHE A 42 2.06 -0.92 4.02
C PHE A 42 0.91 -0.79 5.02
N THR A 43 1.00 -1.53 6.12
CA THR A 43 -0.02 -1.50 7.15
C THR A 43 -0.25 -0.07 7.66
N ALA A 44 0.85 0.63 7.92
CA ALA A 44 0.76 2.00 8.40
C ALA A 44 0.03 2.90 7.41
N VAL A 45 0.19 2.59 6.12
CA VAL A 45 -0.46 3.37 5.07
C VAL A 45 -1.97 3.11 5.06
N LYS A 46 -2.34 1.85 5.12
CA LYS A 46 -3.75 1.46 5.11
C LYS A 46 -4.50 2.12 6.27
N ALA A 47 -3.93 2.02 7.46
CA ALA A 47 -4.54 2.61 8.64
C ALA A 47 -4.72 4.12 8.48
N ALA A 48 -3.76 4.75 7.80
CA ALA A 48 -3.82 6.19 7.57
C ALA A 48 -5.10 6.58 6.86
N ILE A 49 -5.66 5.66 6.07
CA ILE A 49 -6.88 5.92 5.33
C ILE A 49 -8.01 6.33 6.27
N ALA A 50 -8.29 5.49 7.26
CA ALA A 50 -9.34 5.76 8.23
C ALA A 50 -8.99 6.98 9.09
N LYS A 51 -7.70 7.27 9.19
CA LYS A 51 -7.23 8.41 9.98
C LYS A 51 -7.46 9.72 9.23
N GLN A 52 -7.29 9.67 7.92
CA GLN A 52 -7.46 10.87 7.08
C GLN A 52 -8.25 10.53 5.82
N GLY A 53 -7.63 9.78 4.92
CA GLY A 53 -8.28 9.41 3.68
C GLY A 53 -7.36 8.65 2.74
N ILE A 54 -7.94 7.86 1.86
CA ILE A 54 -7.16 7.08 0.90
C ILE A 54 -6.18 7.97 0.15
N LYS A 55 -6.55 9.23 -0.06
CA LYS A 55 -5.70 10.18 -0.76
C LYS A 55 -4.34 10.30 -0.09
N LYS A 56 -4.33 10.23 1.24
CA LYS A 56 -3.09 10.32 2.00
C LYS A 56 -2.20 9.11 1.74
N ALA A 57 -2.81 7.94 1.65
CA ALA A 57 -2.06 6.71 1.40
C ALA A 57 -1.24 6.83 0.12
N ILE A 58 -1.78 7.54 -0.87
CA ILE A 58 -1.10 7.72 -2.15
C ILE A 58 0.23 8.44 -1.95
N GLN A 59 0.18 9.63 -1.37
CA GLN A 59 1.38 10.42 -1.12
C GLN A 59 2.39 9.63 -0.29
N LEU A 60 1.88 8.78 0.58
CA LEU A 60 2.74 7.96 1.44
C LEU A 60 3.54 6.96 0.62
N LEU A 1 2.87 5.74 0.58
CA LEU A 1 3.43 4.66 -0.24
C LEU A 1 4.46 5.21 -1.22
N VAL A 2 4.07 6.21 -1.99
CA VAL A 2 4.96 6.83 -2.96
C VAL A 2 6.16 7.49 -2.27
N ALA A 3 5.88 8.28 -1.24
CA ALA A 3 6.93 8.96 -0.49
C ALA A 3 7.84 7.96 0.20
N TYR A 4 7.27 6.83 0.62
CA TYR A 4 8.03 5.79 1.31
C TYR A 4 8.91 5.03 0.34
N GLY A 5 8.30 4.56 -0.75
CA GLY A 5 9.06 3.82 -1.75
C GLY A 5 8.16 2.97 -2.63
N ILE A 6 7.18 3.61 -3.27
CA ILE A 6 6.25 2.92 -4.15
C ILE A 6 6.05 3.68 -5.46
N ALA A 7 5.90 2.93 -6.55
CA ALA A 7 5.69 3.54 -7.85
C ALA A 7 4.57 4.57 -7.83
N GLN A 8 4.73 5.63 -8.60
CA GLN A 8 3.71 6.68 -8.65
C GLN A 8 2.43 6.17 -9.30
N GLY A 9 2.54 5.68 -10.52
CA GLY A 9 1.38 5.17 -11.23
C GLY A 9 0.83 3.91 -10.58
N THR A 10 1.70 3.09 -10.03
CA THR A 10 1.29 1.84 -9.38
C THR A 10 0.70 2.11 -8.02
N ALA A 11 1.11 3.22 -7.40
CA ALA A 11 0.61 3.59 -6.08
C ALA A 11 -0.91 3.54 -6.03
N GLU A 12 -1.54 3.99 -7.11
CA GLU A 12 -2.99 4.00 -7.20
C GLU A 12 -3.54 2.59 -7.33
N LYS A 13 -2.81 1.73 -8.01
CA LYS A 13 -3.22 0.34 -8.22
C LYS A 13 -3.16 -0.44 -6.90
N VAL A 14 -2.00 -0.41 -6.25
CA VAL A 14 -1.83 -1.11 -4.98
C VAL A 14 -2.92 -0.72 -3.99
N VAL A 15 -3.24 0.56 -3.94
CA VAL A 15 -4.26 1.07 -3.04
C VAL A 15 -5.60 0.39 -3.29
N SER A 16 -5.96 0.27 -4.57
CA SER A 16 -7.22 -0.35 -4.95
C SER A 16 -7.36 -1.74 -4.33
N LEU A 17 -6.24 -2.43 -4.19
CA LEU A 17 -6.23 -3.77 -3.61
C LEU A 17 -6.48 -3.71 -2.11
N ILE A 18 -6.09 -2.60 -1.48
CA ILE A 18 -6.27 -2.42 -0.06
C ILE A 18 -7.76 -2.35 0.30
N ASN A 19 -8.55 -1.78 -0.59
CA ASN A 19 -9.99 -1.65 -0.37
C ASN A 19 -10.63 -3.02 -0.14
N ALA A 20 -9.97 -4.06 -0.65
CA ALA A 20 -10.48 -5.42 -0.49
C ALA A 20 -10.47 -5.84 0.98
N GLY A 21 -9.69 -5.14 1.79
CA GLY A 21 -9.62 -5.46 3.21
C GLY A 21 -8.69 -6.62 3.50
N LEU A 22 -7.97 -7.06 2.48
CA LEU A 22 -7.03 -8.17 2.63
C LEU A 22 -5.84 -7.76 3.48
N THR A 23 -5.03 -8.75 3.87
CA THR A 23 -3.84 -8.49 4.68
C THR A 23 -2.66 -8.08 3.82
N VAL A 24 -1.78 -7.26 4.38
CA VAL A 24 -0.60 -6.79 3.65
C VAL A 24 0.17 -7.96 3.06
N GLY A 25 0.16 -9.09 3.76
CA GLY A 25 0.86 -10.28 3.29
C GLY A 25 0.47 -10.64 1.86
N SER A 26 -0.79 -10.44 1.52
CA SER A 26 -1.28 -10.75 0.19
C SER A 26 -0.72 -9.79 -0.85
N ILE A 27 -0.38 -8.58 -0.40
CA ILE A 27 0.17 -7.56 -1.29
C ILE A 27 1.48 -8.04 -1.92
N ILE A 28 2.38 -8.54 -1.08
CA ILE A 28 3.67 -9.03 -1.55
C ILE A 28 3.50 -10.17 -2.54
N SER A 29 2.56 -11.06 -2.24
CA SER A 29 2.29 -12.21 -3.11
C SER A 29 1.99 -11.76 -4.54
N ILE A 30 1.25 -10.66 -4.66
CA ILE A 30 0.90 -10.13 -5.96
C ILE A 30 2.09 -9.44 -6.62
N LEU A 31 3.02 -8.99 -5.80
CA LEU A 31 4.23 -8.31 -6.30
C LEU A 31 5.23 -9.33 -6.83
N GLY A 32 5.19 -10.54 -6.30
CA GLY A 32 6.10 -11.59 -6.73
C GLY A 32 6.83 -12.23 -5.58
N GLY A 33 7.20 -11.44 -4.58
CA GLY A 33 7.90 -11.96 -3.43
C GLY A 33 9.22 -11.25 -3.18
N VAL A 34 9.78 -10.66 -4.24
CA VAL A 34 11.04 -9.94 -4.13
C VAL A 34 10.85 -8.57 -3.49
N THR A 35 9.60 -8.14 -3.39
CA THR A 35 9.28 -6.85 -2.79
C THR A 35 9.11 -6.97 -1.27
N VAL A 36 9.44 -8.13 -0.74
CA VAL A 36 9.34 -8.37 0.70
C VAL A 36 10.08 -7.30 1.49
N GLY A 37 9.33 -6.34 2.03
CA GLY A 37 9.93 -5.28 2.80
C GLY A 37 8.97 -4.12 3.04
N LEU A 38 8.28 -3.71 1.99
CA LEU A 38 7.32 -2.60 2.09
C LEU A 38 6.13 -3.00 2.97
N SER A 39 5.96 -4.29 3.18
CA SER A 39 4.86 -4.79 4.01
C SER A 39 4.92 -4.20 5.41
N GLY A 40 6.12 -3.77 5.81
CA GLY A 40 6.29 -3.18 7.13
C GLY A 40 5.72 -1.78 7.23
N VAL A 41 5.63 -1.11 6.08
CA VAL A 41 5.10 0.25 6.03
C VAL A 41 3.68 0.27 5.45
N PHE A 42 3.36 -0.74 4.66
CA PHE A 42 2.04 -0.84 4.05
C PHE A 42 0.94 -0.75 5.11
N THR A 43 1.03 -1.62 6.11
CA THR A 43 0.04 -1.65 7.18
C THR A 43 -0.11 -0.27 7.82
N ALA A 44 1.02 0.39 8.06
CA ALA A 44 1.01 1.71 8.67
C ALA A 44 0.23 2.71 7.81
N VAL A 45 0.39 2.61 6.50
CA VAL A 45 -0.29 3.50 5.57
C VAL A 45 -1.79 3.19 5.51
N LYS A 46 -2.12 1.91 5.66
CA LYS A 46 -3.51 1.47 5.63
C LYS A 46 -4.34 2.22 6.67
N ALA A 47 -3.87 2.20 7.92
CA ALA A 47 -4.57 2.88 9.00
C ALA A 47 -4.73 4.36 8.70
N ALA A 48 -3.77 4.93 7.99
CA ALA A 48 -3.81 6.35 7.65
C ALA A 48 -5.07 6.67 6.84
N ILE A 49 -5.55 5.70 6.07
CA ILE A 49 -6.74 5.89 5.27
C ILE A 49 -7.93 6.32 6.12
N ALA A 50 -8.23 5.52 7.14
CA ALA A 50 -9.34 5.81 8.04
C ALA A 50 -9.11 7.12 8.78
N LYS A 51 -7.84 7.50 8.92
CA LYS A 51 -7.49 8.73 9.61
C LYS A 51 -7.74 9.95 8.74
N GLN A 52 -7.31 9.86 7.47
CA GLN A 52 -7.49 10.96 6.52
C GLN A 52 -8.28 10.50 5.31
N GLY A 53 -7.64 9.71 4.46
CA GLY A 53 -8.29 9.21 3.26
C GLY A 53 -7.35 8.46 2.34
N ILE A 54 -7.90 7.56 1.53
CA ILE A 54 -7.09 6.78 0.61
C ILE A 54 -6.20 7.67 -0.23
N LYS A 55 -6.70 8.85 -0.58
CA LYS A 55 -5.95 9.80 -1.38
C LYS A 55 -4.61 10.13 -0.72
N LYS A 56 -4.65 10.38 0.58
CA LYS A 56 -3.44 10.71 1.33
C LYS A 56 -2.49 9.52 1.38
N ALA A 57 -3.05 8.33 1.48
CA ALA A 57 -2.26 7.11 1.54
C ALA A 57 -1.35 6.99 0.32
N ILE A 58 -1.84 7.49 -0.82
CA ILE A 58 -1.07 7.44 -2.06
C ILE A 58 0.29 8.11 -1.90
N GLN A 59 0.28 9.39 -1.54
CA GLN A 59 1.51 10.14 -1.35
C GLN A 59 2.43 9.44 -0.35
N LEU A 60 1.83 8.75 0.61
CA LEU A 60 2.59 8.03 1.63
C LEU A 60 3.39 6.90 1.00
N LEU A 1 2.77 5.78 -0.11
CA LEU A 1 3.35 4.84 -1.07
C LEU A 1 4.36 5.54 -1.97
N VAL A 2 3.92 6.62 -2.61
CA VAL A 2 4.78 7.38 -3.51
C VAL A 2 5.96 7.99 -2.75
N ALA A 3 5.66 8.66 -1.65
CA ALA A 3 6.70 9.28 -0.83
C ALA A 3 7.63 8.24 -0.22
N TYR A 4 7.09 7.05 0.01
CA TYR A 4 7.88 5.96 0.59
C TYR A 4 8.84 5.38 -0.44
N GLY A 5 8.32 5.08 -1.62
CA GLY A 5 9.15 4.52 -2.68
C GLY A 5 8.32 3.84 -3.75
N ILE A 6 7.16 3.33 -3.36
CA ILE A 6 6.27 2.64 -4.31
C ILE A 6 5.91 3.54 -5.48
N ALA A 7 6.11 3.04 -6.69
CA ALA A 7 5.80 3.79 -7.89
C ALA A 7 4.37 4.34 -7.84
N GLN A 8 4.23 5.63 -8.15
CA GLN A 8 2.92 6.27 -8.14
C GLN A 8 1.99 5.63 -9.16
N GLY A 9 2.56 5.16 -10.27
CA GLY A 9 1.77 4.53 -11.30
C GLY A 9 1.08 3.26 -10.82
N THR A 10 1.85 2.36 -10.22
CA THR A 10 1.31 1.11 -9.71
C THR A 10 0.56 1.32 -8.40
N ALA A 11 1.02 2.29 -7.61
CA ALA A 11 0.40 2.59 -6.33
C ALA A 11 -1.11 2.81 -6.49
N GLU A 12 -1.48 3.57 -7.52
CA GLU A 12 -2.89 3.86 -7.79
C GLU A 12 -3.70 2.57 -7.85
N LYS A 13 -3.25 1.61 -8.65
CA LYS A 13 -3.93 0.34 -8.80
C LYS A 13 -3.85 -0.47 -7.51
N VAL A 14 -2.71 -0.41 -6.84
CA VAL A 14 -2.51 -1.14 -5.59
C VAL A 14 -3.50 -0.69 -4.53
N VAL A 15 -3.85 0.59 -4.54
CA VAL A 15 -4.79 1.14 -3.59
C VAL A 15 -6.12 0.38 -3.62
N SER A 16 -6.60 0.10 -4.83
CA SER A 16 -7.85 -0.63 -5.00
C SER A 16 -7.85 -1.93 -4.21
N LEU A 17 -6.68 -2.55 -4.15
CA LEU A 17 -6.52 -3.82 -3.43
C LEU A 17 -6.61 -3.60 -1.92
N ILE A 18 -6.06 -2.48 -1.46
CA ILE A 18 -6.08 -2.14 -0.04
C ILE A 18 -7.50 -1.92 0.46
N ASN A 19 -8.25 -1.09 -0.27
CA ASN A 19 -9.63 -0.80 0.10
C ASN A 19 -10.46 -2.08 0.16
N ALA A 20 -10.08 -3.07 -0.63
CA ALA A 20 -10.78 -4.34 -0.66
C ALA A 20 -10.67 -5.07 0.67
N GLY A 21 -9.66 -4.69 1.45
CA GLY A 21 -9.46 -5.32 2.75
C GLY A 21 -8.42 -6.44 2.70
N LEU A 22 -7.58 -6.41 1.66
CA LEU A 22 -6.54 -7.42 1.50
C LEU A 22 -5.40 -7.19 2.48
N THR A 23 -4.92 -8.26 3.09
CA THR A 23 -3.82 -8.17 4.05
C THR A 23 -2.48 -8.01 3.33
N VAL A 24 -1.51 -7.46 4.04
CA VAL A 24 -0.18 -7.25 3.47
C VAL A 24 0.37 -8.54 2.86
N GLY A 25 -0.04 -9.67 3.42
CA GLY A 25 0.41 -10.96 2.92
C GLY A 25 0.05 -11.16 1.47
N SER A 26 -1.20 -10.87 1.11
CA SER A 26 -1.67 -11.03 -0.25
C SER A 26 -0.97 -10.06 -1.19
N ILE A 27 -0.62 -8.89 -0.66
CA ILE A 27 0.06 -7.87 -1.45
C ILE A 27 1.39 -8.38 -1.99
N ILE A 28 2.25 -8.86 -1.09
CA ILE A 28 3.55 -9.39 -1.47
C ILE A 28 3.40 -10.58 -2.42
N SER A 29 2.41 -11.41 -2.17
CA SER A 29 2.16 -12.59 -3.00
C SER A 29 1.99 -12.19 -4.46
N ILE A 30 1.45 -10.99 -4.68
CA ILE A 30 1.24 -10.50 -6.04
C ILE A 30 2.55 -10.01 -6.66
N LEU A 31 3.28 -9.19 -5.92
CA LEU A 31 4.55 -8.66 -6.39
C LEU A 31 5.46 -9.77 -6.87
N GLY A 32 5.44 -10.89 -6.16
CA GLY A 32 6.28 -12.02 -6.54
C GLY A 32 7.73 -11.64 -6.70
N GLY A 33 8.32 -11.10 -5.63
CA GLY A 33 9.72 -10.70 -5.67
C GLY A 33 10.28 -10.37 -4.31
N VAL A 34 11.43 -9.72 -4.27
CA VAL A 34 12.07 -9.36 -3.01
C VAL A 34 11.41 -8.13 -2.40
N THR A 35 10.11 -8.25 -2.13
CA THR A 35 9.35 -7.15 -1.53
C THR A 35 9.46 -7.17 -0.01
N VAL A 36 10.29 -8.06 0.51
CA VAL A 36 10.48 -8.18 1.95
C VAL A 36 10.86 -6.83 2.57
N GLY A 37 9.88 -6.17 3.17
CA GLY A 37 10.14 -4.88 3.80
C GLY A 37 9.02 -3.88 3.52
N LEU A 38 8.40 -4.00 2.36
CA LEU A 38 7.32 -3.09 1.97
C LEU A 38 6.10 -3.29 2.87
N SER A 39 5.81 -4.54 3.20
CA SER A 39 4.67 -4.87 4.04
C SER A 39 4.80 -4.18 5.41
N GLY A 40 6.03 -3.89 5.80
CA GLY A 40 6.27 -3.24 7.08
C GLY A 40 5.61 -1.88 7.16
N VAL A 41 5.66 -1.13 6.06
CA VAL A 41 5.07 0.20 6.01
C VAL A 41 3.63 0.15 5.48
N PHE A 42 3.33 -0.88 4.70
CA PHE A 42 2.00 -1.05 4.13
C PHE A 42 0.94 -1.07 5.23
N THR A 43 1.15 -1.91 6.24
CA THR A 43 0.21 -2.03 7.34
C THR A 43 -0.05 -0.66 7.98
N ALA A 44 1.00 0.12 8.14
CA ALA A 44 0.88 1.45 8.73
C ALA A 44 0.07 2.39 7.84
N VAL A 45 0.18 2.19 6.52
CA VAL A 45 -0.55 3.01 5.56
C VAL A 45 -2.05 2.82 5.71
N LYS A 46 -2.48 1.57 5.82
CA LYS A 46 -3.90 1.25 5.96
C LYS A 46 -4.51 2.05 7.11
N ALA A 47 -3.78 2.16 8.20
CA ALA A 47 -4.27 2.90 9.36
C ALA A 47 -4.46 4.38 9.03
N ALA A 48 -3.58 4.91 8.18
CA ALA A 48 -3.66 6.31 7.79
C ALA A 48 -4.98 6.61 7.09
N ILE A 49 -5.46 5.65 6.31
CA ILE A 49 -6.72 5.80 5.58
C ILE A 49 -7.87 6.13 6.54
N ALA A 50 -8.08 5.27 7.52
CA ALA A 50 -9.13 5.47 8.50
C ALA A 50 -8.87 6.71 9.35
N LYS A 51 -7.60 7.09 9.45
CA LYS A 51 -7.22 8.26 10.23
C LYS A 51 -7.54 9.54 9.48
N GLN A 52 -7.40 9.51 8.16
CA GLN A 52 -7.68 10.67 7.33
C GLN A 52 -8.47 10.28 6.08
N GLY A 53 -7.78 9.63 5.14
CA GLY A 53 -8.43 9.20 3.91
C GLY A 53 -7.47 8.53 2.96
N ILE A 54 -8.00 7.66 2.10
CA ILE A 54 -7.19 6.95 1.13
C ILE A 54 -6.30 7.90 0.34
N LYS A 55 -6.78 9.12 0.15
CA LYS A 55 -6.04 10.13 -0.59
C LYS A 55 -4.62 10.27 -0.03
N LYS A 56 -4.51 10.36 1.29
CA LYS A 56 -3.22 10.50 1.94
C LYS A 56 -2.38 9.23 1.76
N ALA A 57 -3.05 8.10 1.61
CA ALA A 57 -2.37 6.82 1.43
C ALA A 57 -1.56 6.82 0.14
N ILE A 58 -2.09 7.49 -0.88
CA ILE A 58 -1.41 7.56 -2.18
C ILE A 58 -0.05 8.24 -2.05
N GLN A 59 -0.05 9.49 -1.58
CA GLN A 59 1.18 10.24 -1.42
C GLN A 59 2.17 9.48 -0.53
N LEU A 60 1.64 8.65 0.35
CA LEU A 60 2.47 7.87 1.26
C LEU A 60 3.31 6.86 0.50
N LEU A 1 3.16 6.20 0.17
CA LEU A 1 3.69 5.21 -0.77
C LEU A 1 4.66 5.87 -1.75
N VAL A 2 4.21 6.93 -2.40
CA VAL A 2 5.05 7.65 -3.36
C VAL A 2 6.27 8.26 -2.68
N ALA A 3 6.02 8.97 -1.58
CA ALA A 3 7.10 9.61 -0.83
C ALA A 3 8.05 8.57 -0.25
N TYR A 4 7.54 7.38 0.03
CA TYR A 4 8.34 6.30 0.59
C TYR A 4 9.26 5.71 -0.47
N GLY A 5 8.69 5.35 -1.61
CA GLY A 5 9.48 4.77 -2.68
C GLY A 5 8.62 4.10 -3.74
N ILE A 6 7.43 3.66 -3.34
CA ILE A 6 6.51 3.00 -4.26
C ILE A 6 6.21 3.89 -5.46
N ALA A 7 6.15 3.28 -6.65
CA ALA A 7 5.86 4.00 -7.87
C ALA A 7 4.61 4.85 -7.72
N GLN A 8 4.62 6.04 -8.33
CA GLN A 8 3.48 6.94 -8.26
C GLN A 8 2.29 6.38 -9.03
N GLY A 9 2.56 5.83 -10.22
CA GLY A 9 1.50 5.26 -11.03
C GLY A 9 0.93 3.99 -10.43
N THR A 10 1.80 3.14 -9.91
CA THR A 10 1.38 1.88 -9.31
C THR A 10 0.78 2.11 -7.92
N ALA A 11 1.20 3.19 -7.28
CA ALA A 11 0.71 3.53 -5.94
C ALA A 11 -0.81 3.51 -5.90
N GLU A 12 -1.43 3.99 -6.98
CA GLU A 12 -2.89 4.03 -7.06
C GLU A 12 -3.47 2.63 -7.23
N LYS A 13 -2.72 1.78 -7.94
CA LYS A 13 -3.16 0.41 -8.19
C LYS A 13 -3.12 -0.41 -6.90
N VAL A 14 -1.97 -0.43 -6.25
CA VAL A 14 -1.80 -1.18 -5.01
C VAL A 14 -2.88 -0.80 -4.00
N VAL A 15 -3.20 0.48 -3.92
CA VAL A 15 -4.21 0.97 -2.99
C VAL A 15 -5.56 0.32 -3.26
N SER A 16 -5.93 0.24 -4.53
CA SER A 16 -7.20 -0.37 -4.93
C SER A 16 -7.33 -1.77 -4.36
N LEU A 17 -6.20 -2.47 -4.26
CA LEU A 17 -6.18 -3.84 -3.74
C LEU A 17 -6.43 -3.85 -2.23
N ILE A 18 -6.04 -2.75 -1.57
CA ILE A 18 -6.23 -2.63 -0.13
C ILE A 18 -7.71 -2.60 0.24
N ASN A 19 -8.52 -2.03 -0.66
CA ASN A 19 -9.96 -1.94 -0.42
C ASN A 19 -10.57 -3.32 -0.24
N ALA A 20 -9.87 -4.34 -0.73
CA ALA A 20 -10.35 -5.71 -0.62
C ALA A 20 -10.40 -6.16 0.84
N GLY A 21 -9.66 -5.46 1.70
CA GLY A 21 -9.64 -5.79 3.11
C GLY A 21 -8.56 -6.79 3.45
N LEU A 22 -7.90 -7.32 2.43
CA LEU A 22 -6.82 -8.29 2.62
C LEU A 22 -5.63 -7.64 3.30
N THR A 23 -4.93 -8.42 4.13
CA THR A 23 -3.76 -7.92 4.84
C THR A 23 -2.55 -7.85 3.91
N VAL A 24 -1.48 -7.23 4.41
CA VAL A 24 -0.26 -7.09 3.63
C VAL A 24 0.20 -8.43 3.07
N GLY A 25 -0.14 -9.50 3.78
CA GLY A 25 0.25 -10.83 3.33
C GLY A 25 -0.17 -11.12 1.91
N SER A 26 -1.37 -10.66 1.55
CA SER A 26 -1.90 -10.87 0.21
C SER A 26 -1.14 -10.02 -0.82
N ILE A 27 -0.69 -8.85 -0.38
CA ILE A 27 0.05 -7.94 -1.25
C ILE A 27 1.33 -8.60 -1.75
N ILE A 28 2.06 -9.22 -0.84
CA ILE A 28 3.32 -9.89 -1.19
C ILE A 28 3.08 -11.00 -2.21
N SER A 29 1.95 -11.67 -2.09
CA SER A 29 1.60 -12.75 -3.00
C SER A 29 1.45 -12.25 -4.43
N ILE A 30 1.01 -11.00 -4.55
CA ILE A 30 0.82 -10.39 -5.86
C ILE A 30 2.15 -10.06 -6.51
N LEU A 31 2.94 -9.21 -5.86
CA LEU A 31 4.24 -8.81 -6.38
C LEU A 31 5.14 -10.02 -6.58
N GLY A 32 5.11 -10.94 -5.62
CA GLY A 32 5.92 -12.15 -5.71
C GLY A 32 6.91 -12.27 -4.57
N GLY A 33 7.16 -11.15 -3.88
CA GLY A 33 8.09 -11.16 -2.78
C GLY A 33 9.03 -9.97 -2.79
N VAL A 34 8.95 -9.18 -3.86
CA VAL A 34 9.79 -8.00 -3.99
C VAL A 34 9.40 -6.92 -2.99
N THR A 35 8.10 -6.82 -2.72
CA THR A 35 7.59 -5.82 -1.78
C THR A 35 7.60 -6.36 -0.36
N VAL A 36 8.24 -7.51 -0.16
CA VAL A 36 8.33 -8.12 1.16
C VAL A 36 8.88 -7.13 2.19
N GLY A 37 9.67 -6.17 1.72
CA GLY A 37 10.24 -5.18 2.62
C GLY A 37 9.34 -3.97 2.79
N LEU A 38 8.72 -3.53 1.70
CA LEU A 38 7.84 -2.37 1.74
C LEU A 38 6.59 -2.68 2.57
N SER A 39 6.19 -3.95 2.58
CA SER A 39 5.01 -4.36 3.33
C SER A 39 5.11 -3.93 4.79
N GLY A 40 6.34 -3.80 5.28
CA GLY A 40 6.56 -3.39 6.66
C GLY A 40 5.79 -2.13 7.02
N VAL A 41 5.61 -1.25 6.03
CA VAL A 41 4.90 0.00 6.25
C VAL A 41 3.50 -0.06 5.64
N PHE A 42 3.32 -0.94 4.66
CA PHE A 42 2.04 -1.09 3.99
C PHE A 42 0.92 -1.29 5.00
N THR A 43 1.17 -2.12 6.01
CA THR A 43 0.19 -2.40 7.04
C THR A 43 -0.24 -1.12 7.76
N ALA A 44 0.76 -0.32 8.16
CA ALA A 44 0.49 0.93 8.85
C ALA A 44 -0.21 1.93 7.94
N VAL A 45 0.05 1.82 6.64
CA VAL A 45 -0.55 2.72 5.66
C VAL A 45 -2.07 2.54 5.62
N LYS A 46 -2.51 1.30 5.74
CA LYS A 46 -3.94 0.99 5.72
C LYS A 46 -4.71 1.85 6.72
N ALA A 47 -4.18 1.94 7.94
CA ALA A 47 -4.81 2.74 8.98
C ALA A 47 -4.82 4.21 8.61
N ALA A 48 -3.82 4.65 7.86
CA ALA A 48 -3.72 6.04 7.43
C ALA A 48 -4.97 6.46 6.66
N ILE A 49 -5.47 5.57 5.82
CA ILE A 49 -6.66 5.86 5.02
C ILE A 49 -7.84 6.25 5.91
N ALA A 50 -8.16 5.37 6.86
CA ALA A 50 -9.26 5.62 7.78
C ALA A 50 -8.98 6.83 8.66
N LYS A 51 -7.70 7.13 8.84
CA LYS A 51 -7.29 8.28 9.66
C LYS A 51 -7.48 9.58 8.91
N GLN A 52 -7.21 9.56 7.60
CA GLN A 52 -7.36 10.74 6.77
C GLN A 52 -8.12 10.42 5.49
N GLY A 53 -7.46 9.73 4.56
CA GLY A 53 -8.10 9.37 3.31
C GLY A 53 -7.14 8.69 2.35
N ILE A 54 -7.69 7.86 1.47
CA ILE A 54 -6.88 7.14 0.49
C ILE A 54 -5.97 8.09 -0.27
N LYS A 55 -6.47 9.30 -0.54
CA LYS A 55 -5.69 10.31 -1.25
C LYS A 55 -4.37 10.58 -0.56
N LYS A 56 -4.42 10.73 0.76
CA LYS A 56 -3.22 10.98 1.55
C LYS A 56 -2.27 9.79 1.50
N ALA A 57 -2.83 8.59 1.52
CA ALA A 57 -2.02 7.37 1.48
C ALA A 57 -1.14 7.34 0.24
N ILE A 58 -1.63 7.92 -0.86
CA ILE A 58 -0.89 7.96 -2.10
C ILE A 58 0.45 8.67 -1.93
N GLN A 59 0.39 9.93 -1.48
CA GLN A 59 1.61 10.71 -1.27
C GLN A 59 2.59 9.96 -0.38
N LEU A 60 2.07 9.17 0.54
CA LEU A 60 2.91 8.39 1.44
C LEU A 60 3.70 7.33 0.68
N LEU A 1 2.98 5.88 -0.05
CA LEU A 1 3.63 4.99 -1.01
C LEU A 1 4.62 5.77 -1.87
N VAL A 2 4.14 6.84 -2.50
CA VAL A 2 4.98 7.66 -3.35
C VAL A 2 6.10 8.32 -2.55
N ALA A 3 5.74 8.94 -1.43
CA ALA A 3 6.71 9.60 -0.57
C ALA A 3 7.69 8.60 0.03
N TYR A 4 7.22 7.37 0.23
CA TYR A 4 8.06 6.32 0.79
C TYR A 4 9.07 5.81 -0.22
N GLY A 5 8.58 5.50 -1.42
CA GLY A 5 9.47 5.01 -2.47
C GLY A 5 8.71 4.29 -3.57
N ILE A 6 7.56 3.72 -3.21
CA ILE A 6 6.74 3.00 -4.19
C ILE A 6 6.35 3.90 -5.35
N ALA A 7 6.49 3.38 -6.57
CA ALA A 7 6.13 4.13 -7.77
C ALA A 7 4.73 4.70 -7.67
N GLN A 8 4.57 5.95 -8.10
CA GLN A 8 3.27 6.61 -8.05
C GLN A 8 2.29 5.96 -9.04
N GLY A 9 2.76 5.72 -10.26
CA GLY A 9 1.92 5.11 -11.27
C GLY A 9 1.34 3.80 -10.81
N THR A 10 2.17 2.95 -10.22
CA THR A 10 1.73 1.65 -9.74
C THR A 10 0.95 1.78 -8.44
N ALA A 11 1.39 2.69 -7.58
CA ALA A 11 0.73 2.92 -6.30
C ALA A 11 -0.76 3.19 -6.49
N GLU A 12 -1.11 3.86 -7.59
CA GLU A 12 -2.50 4.17 -7.89
C GLU A 12 -3.35 2.92 -7.90
N LYS A 13 -2.96 1.95 -8.73
CA LYS A 13 -3.69 0.70 -8.84
C LYS A 13 -3.59 -0.11 -7.55
N VAL A 14 -2.42 -0.08 -6.92
CA VAL A 14 -2.20 -0.81 -5.67
C VAL A 14 -3.25 -0.43 -4.63
N VAL A 15 -3.64 0.84 -4.61
CA VAL A 15 -4.64 1.33 -3.67
C VAL A 15 -5.93 0.52 -3.78
N SER A 16 -6.32 0.21 -5.01
CA SER A 16 -7.54 -0.56 -5.24
C SER A 16 -7.54 -1.85 -4.45
N LEU A 17 -6.37 -2.48 -4.35
CA LEU A 17 -6.22 -3.73 -3.61
C LEU A 17 -6.35 -3.49 -2.10
N ILE A 18 -5.81 -2.37 -1.64
CA ILE A 18 -5.85 -2.02 -0.22
C ILE A 18 -7.29 -1.77 0.23
N ASN A 19 -8.07 -1.10 -0.62
CA ASN A 19 -9.45 -0.80 -0.30
C ASN A 19 -10.24 -2.08 -0.04
N ALA A 20 -9.77 -3.18 -0.62
CA ALA A 20 -10.43 -4.47 -0.44
C ALA A 20 -10.37 -4.94 1.01
N GLY A 21 -9.42 -4.37 1.77
CA GLY A 21 -9.28 -4.73 3.17
C GLY A 21 -8.37 -5.92 3.37
N LEU A 22 -7.62 -6.27 2.32
CA LEU A 22 -6.71 -7.41 2.39
C LEU A 22 -5.47 -7.06 3.20
N THR A 23 -4.83 -8.09 3.75
CA THR A 23 -3.63 -7.89 4.56
C THR A 23 -2.39 -7.81 3.69
N VAL A 24 -1.31 -7.25 4.23
CA VAL A 24 -0.07 -7.12 3.49
C VAL A 24 0.37 -8.45 2.89
N GLY A 25 0.00 -9.55 3.56
CA GLY A 25 0.34 -10.86 3.07
C GLY A 25 -0.06 -11.08 1.63
N SER A 26 -1.32 -10.76 1.32
CA SER A 26 -1.83 -10.93 -0.04
C SER A 26 -1.23 -9.91 -0.99
N ILE A 27 -0.88 -8.74 -0.44
CA ILE A 27 -0.28 -7.68 -1.24
C ILE A 27 1.03 -8.14 -1.87
N ILE A 28 1.91 -8.72 -1.04
CA ILE A 28 3.20 -9.20 -1.52
C ILE A 28 3.03 -10.17 -2.68
N SER A 29 1.94 -10.93 -2.65
CA SER A 29 1.66 -11.90 -3.70
C SER A 29 1.55 -11.23 -5.06
N ILE A 30 0.71 -10.18 -5.13
CA ILE A 30 0.51 -9.45 -6.36
C ILE A 30 1.68 -8.50 -6.63
N LEU A 31 2.37 -8.10 -5.57
CA LEU A 31 3.51 -7.20 -5.70
C LEU A 31 4.60 -7.81 -6.58
N GLY A 32 4.65 -9.14 -6.62
CA GLY A 32 5.64 -9.82 -7.43
C GLY A 32 6.42 -10.86 -6.65
N GLY A 33 6.73 -10.54 -5.39
CA GLY A 33 7.48 -11.45 -4.55
C GLY A 33 8.77 -10.85 -4.04
N VAL A 34 9.35 -11.47 -3.02
CA VAL A 34 10.59 -10.99 -2.44
C VAL A 34 10.49 -9.52 -2.06
N THR A 35 9.27 -9.07 -1.78
CA THR A 35 9.03 -7.68 -1.41
C THR A 35 9.18 -7.49 0.10
N VAL A 36 9.67 -8.51 0.78
CA VAL A 36 9.87 -8.44 2.23
C VAL A 36 10.62 -7.19 2.63
N GLY A 37 9.90 -6.19 3.13
CA GLY A 37 10.52 -4.95 3.54
C GLY A 37 9.53 -3.82 3.69
N LEU A 38 8.88 -3.45 2.58
CA LEU A 38 7.90 -2.37 2.60
C LEU A 38 6.67 -2.77 3.40
N SER A 39 6.55 -4.06 3.71
CA SER A 39 5.43 -4.56 4.48
C SER A 39 5.25 -3.76 5.78
N GLY A 40 6.35 -3.54 6.49
CA GLY A 40 6.29 -2.80 7.73
C GLY A 40 5.74 -1.40 7.53
N VAL A 41 5.79 -0.91 6.30
CA VAL A 41 5.30 0.43 5.99
C VAL A 41 3.86 0.37 5.49
N PHE A 42 3.54 -0.66 4.73
CA PHE A 42 2.19 -0.84 4.20
C PHE A 42 1.15 -0.77 5.30
N THR A 43 1.38 -1.52 6.38
CA THR A 43 0.47 -1.54 7.51
C THR A 43 0.21 -0.14 8.04
N ALA A 44 1.28 0.63 8.21
CA ALA A 44 1.16 1.99 8.72
C ALA A 44 0.33 2.86 7.76
N VAL A 45 0.44 2.57 6.48
CA VAL A 45 -0.29 3.32 5.46
C VAL A 45 -1.80 3.03 5.54
N LYS A 46 -2.14 1.75 5.61
CA LYS A 46 -3.54 1.33 5.69
C LYS A 46 -4.25 2.06 6.82
N ALA A 47 -3.58 2.19 7.96
CA ALA A 47 -4.16 2.87 9.12
C ALA A 47 -4.45 4.34 8.80
N ALA A 48 -3.53 4.97 8.07
CA ALA A 48 -3.70 6.37 7.70
C ALA A 48 -5.01 6.59 6.95
N ILE A 49 -5.43 5.57 6.21
CA ILE A 49 -6.67 5.65 5.43
C ILE A 49 -7.85 6.00 6.33
N ALA A 50 -8.07 5.19 7.36
CA ALA A 50 -9.17 5.42 8.29
C ALA A 50 -8.97 6.73 9.06
N LYS A 51 -7.73 7.18 9.13
CA LYS A 51 -7.41 8.42 9.84
C LYS A 51 -7.80 9.63 9.00
N GLN A 52 -7.44 9.60 7.73
CA GLN A 52 -7.75 10.71 6.82
C GLN A 52 -8.53 10.21 5.61
N GLY A 53 -7.87 9.43 4.75
CA GLY A 53 -8.51 8.91 3.57
C GLY A 53 -7.54 8.18 2.65
N ILE A 54 -8.08 7.27 1.83
CA ILE A 54 -7.25 6.51 0.91
C ILE A 54 -6.37 7.43 0.07
N LYS A 55 -6.89 8.60 -0.25
CA LYS A 55 -6.15 9.58 -1.04
C LYS A 55 -4.81 9.89 -0.41
N LYS A 56 -4.79 10.00 0.91
CA LYS A 56 -3.57 10.31 1.65
C LYS A 56 -2.56 9.16 1.53
N ALA A 57 -3.07 7.93 1.55
CA ALA A 57 -2.23 6.75 1.43
C ALA A 57 -1.38 6.80 0.16
N ILE A 58 -1.95 7.35 -0.90
CA ILE A 58 -1.26 7.46 -2.17
C ILE A 58 0.06 8.21 -2.01
N GLN A 59 -0.03 9.43 -1.48
CA GLN A 59 1.17 10.26 -1.28
C GLN A 59 2.18 9.54 -0.38
N LEU A 60 1.68 8.65 0.47
CA LEU A 60 2.55 7.90 1.38
C LEU A 60 3.46 6.96 0.60
N LEU A 1 2.96 6.20 -0.01
CA LEU A 1 3.49 5.24 -0.97
C LEU A 1 4.50 5.92 -1.90
N VAL A 2 4.08 7.01 -2.53
CA VAL A 2 4.95 7.74 -3.43
C VAL A 2 6.16 8.30 -2.71
N ALA A 3 5.91 8.98 -1.59
CA ALA A 3 6.99 9.56 -0.80
C ALA A 3 7.89 8.48 -0.22
N TYR A 4 7.33 7.30 0.03
CA TYR A 4 8.09 6.19 0.58
C TYR A 4 9.00 5.57 -0.47
N GLY A 5 8.42 5.25 -1.63
CA GLY A 5 9.19 4.67 -2.71
C GLY A 5 8.32 4.03 -3.77
N ILE A 6 7.13 3.59 -3.37
CA ILE A 6 6.19 2.96 -4.30
C ILE A 6 5.87 3.87 -5.47
N ALA A 7 5.83 3.31 -6.66
CA ALA A 7 5.54 4.07 -7.86
C ALA A 7 4.26 4.89 -7.69
N GLN A 8 4.26 6.09 -8.26
CA GLN A 8 3.10 6.97 -8.17
C GLN A 8 1.92 6.42 -8.95
N GLY A 9 2.19 5.89 -10.14
CA GLY A 9 1.14 5.32 -10.97
C GLY A 9 0.57 4.05 -10.38
N THR A 10 1.44 3.18 -9.89
CA THR A 10 1.00 1.92 -9.30
C THR A 10 0.42 2.13 -7.90
N ALA A 11 0.86 3.20 -7.24
CA ALA A 11 0.39 3.53 -5.90
C ALA A 11 -1.14 3.52 -5.84
N GLU A 12 -1.77 4.02 -6.90
CA GLU A 12 -3.22 4.07 -6.97
C GLU A 12 -3.81 2.68 -7.16
N LYS A 13 -3.08 1.83 -7.89
CA LYS A 13 -3.54 0.47 -8.15
C LYS A 13 -3.49 -0.38 -6.87
N VAL A 14 -2.33 -0.40 -6.23
CA VAL A 14 -2.16 -1.16 -4.99
C VAL A 14 -3.23 -0.79 -3.97
N VAL A 15 -3.54 0.50 -3.87
CA VAL A 15 -4.54 0.98 -2.94
C VAL A 15 -5.89 0.31 -3.18
N SER A 16 -6.26 0.21 -4.45
CA SER A 16 -7.54 -0.41 -4.83
C SER A 16 -7.66 -1.80 -4.23
N LEU A 17 -6.53 -2.51 -4.13
CA LEU A 17 -6.52 -3.84 -3.58
C LEU A 17 -6.73 -3.82 -2.07
N ILE A 18 -6.32 -2.72 -1.44
CA ILE A 18 -6.47 -2.57 0.00
C ILE A 18 -7.94 -2.51 0.39
N ASN A 19 -8.74 -1.84 -0.43
CA ASN A 19 -10.17 -1.71 -0.17
C ASN A 19 -10.83 -3.08 -0.07
N ALA A 20 -10.20 -4.08 -0.66
CA ALA A 20 -10.73 -5.44 -0.65
C ALA A 20 -10.75 -6.00 0.77
N GLY A 21 -9.97 -5.39 1.65
CA GLY A 21 -9.92 -5.84 3.04
C GLY A 21 -8.80 -6.84 3.28
N LEU A 22 -8.14 -7.26 2.21
CA LEU A 22 -7.05 -8.22 2.32
C LEU A 22 -5.85 -7.62 3.04
N THR A 23 -5.18 -8.42 3.87
CA THR A 23 -4.03 -7.96 4.62
C THR A 23 -2.79 -7.88 3.73
N VAL A 24 -1.73 -7.31 4.27
CA VAL A 24 -0.47 -7.17 3.53
C VAL A 24 -0.04 -8.50 2.93
N GLY A 25 -0.39 -9.58 3.60
CA GLY A 25 -0.03 -10.90 3.11
C GLY A 25 -0.45 -11.13 1.67
N SER A 26 -1.63 -10.62 1.32
CA SER A 26 -2.16 -10.78 -0.03
C SER A 26 -1.36 -9.93 -1.02
N ILE A 27 -0.86 -8.80 -0.55
CA ILE A 27 -0.08 -7.90 -1.39
C ILE A 27 1.18 -8.58 -1.91
N ILE A 28 1.90 -9.24 -1.00
CA ILE A 28 3.12 -9.94 -1.37
C ILE A 28 2.85 -11.02 -2.41
N SER A 29 1.71 -11.67 -2.30
CA SER A 29 1.32 -12.73 -3.22
C SER A 29 1.23 -12.18 -4.65
N ILE A 30 0.83 -10.92 -4.77
CA ILE A 30 0.70 -10.28 -6.08
C ILE A 30 2.06 -9.88 -6.63
N LEU A 31 2.81 -9.10 -5.85
CA LEU A 31 4.13 -8.66 -6.25
C LEU A 31 5.00 -9.83 -6.69
N GLY A 32 4.93 -10.93 -5.94
CA GLY A 32 5.71 -12.11 -6.26
C GLY A 32 7.20 -11.87 -6.10
N GLY A 33 7.56 -10.90 -5.27
CA GLY A 33 8.96 -10.59 -5.06
C GLY A 33 9.28 -10.32 -3.60
N VAL A 34 10.52 -9.92 -3.33
CA VAL A 34 10.94 -9.63 -1.97
C VAL A 34 10.43 -8.26 -1.51
N THR A 35 9.11 -8.10 -1.51
CA THR A 35 8.49 -6.85 -1.10
C THR A 35 8.28 -6.81 0.41
N VAL A 36 8.80 -7.82 1.11
CA VAL A 36 8.67 -7.90 2.55
C VAL A 36 9.26 -6.66 3.23
N GLY A 37 10.16 -5.98 2.53
CA GLY A 37 10.78 -4.79 3.07
C GLY A 37 9.92 -3.56 2.93
N LEU A 38 9.52 -3.26 1.69
CA LEU A 38 8.68 -2.10 1.43
C LEU A 38 7.29 -2.28 2.04
N SER A 39 6.79 -3.51 2.01
CA SER A 39 5.47 -3.81 2.57
C SER A 39 5.42 -3.46 4.05
N GLY A 40 6.59 -3.39 4.68
CA GLY A 40 6.65 -3.07 6.09
C GLY A 40 5.89 -1.80 6.44
N VAL A 41 5.77 -0.90 5.46
CA VAL A 41 5.07 0.36 5.67
C VAL A 41 3.60 0.24 5.24
N PHE A 42 3.32 -0.74 4.38
CA PHE A 42 1.97 -0.95 3.90
C PHE A 42 0.98 -1.06 5.06
N THR A 43 1.40 -1.72 6.13
CA THR A 43 0.55 -1.89 7.31
C THR A 43 0.16 -0.55 7.89
N ALA A 44 1.14 0.32 8.13
CA ALA A 44 0.89 1.63 8.68
C ALA A 44 0.07 2.49 7.73
N VAL A 45 0.21 2.23 6.43
CA VAL A 45 -0.53 2.97 5.42
C VAL A 45 -2.03 2.71 5.53
N LYS A 46 -2.38 1.48 5.88
CA LYS A 46 -3.78 1.09 6.01
C LYS A 46 -4.50 1.99 7.02
N ALA A 47 -3.88 2.18 8.18
CA ALA A 47 -4.46 3.03 9.22
C ALA A 47 -4.61 4.47 8.74
N ALA A 48 -3.71 4.88 7.84
CA ALA A 48 -3.74 6.23 7.29
C ALA A 48 -5.07 6.53 6.60
N ILE A 49 -5.53 5.57 5.80
CA ILE A 49 -6.78 5.73 5.08
C ILE A 49 -7.94 6.01 6.05
N ALA A 50 -8.09 5.14 7.05
CA ALA A 50 -9.14 5.30 8.03
C ALA A 50 -8.94 6.57 8.86
N LYS A 51 -7.70 7.03 8.94
CA LYS A 51 -7.37 8.23 9.70
C LYS A 51 -7.75 9.48 8.91
N GLN A 52 -7.52 9.45 7.61
CA GLN A 52 -7.83 10.58 6.74
C GLN A 52 -8.53 10.12 5.47
N GLY A 53 -7.81 9.35 4.66
CA GLY A 53 -8.38 8.85 3.42
C GLY A 53 -7.32 8.30 2.48
N ILE A 54 -7.74 7.43 1.56
CA ILE A 54 -6.83 6.82 0.61
C ILE A 54 -6.00 7.89 -0.11
N LYS A 55 -6.59 9.07 -0.28
CA LYS A 55 -5.90 10.17 -0.94
C LYS A 55 -4.54 10.42 -0.31
N LYS A 56 -4.51 10.47 1.02
CA LYS A 56 -3.26 10.70 1.74
C LYS A 56 -2.29 9.54 1.56
N ALA A 57 -2.84 8.33 1.47
CA ALA A 57 -2.03 7.14 1.29
C ALA A 57 -1.18 7.24 0.02
N ILE A 58 -1.72 7.90 -1.00
CA ILE A 58 -1.01 8.06 -2.26
C ILE A 58 0.33 8.74 -2.05
N GLN A 59 0.30 9.96 -1.52
CA GLN A 59 1.51 10.73 -1.26
C GLN A 59 2.48 9.94 -0.39
N LEU A 60 1.93 9.11 0.49
CA LEU A 60 2.75 8.30 1.38
C LEU A 60 3.54 7.26 0.60
N LEU A 1 2.48 5.68 0.55
CA LEU A 1 3.04 4.58 -0.24
C LEU A 1 4.08 5.09 -1.22
N VAL A 2 3.69 6.06 -2.04
CA VAL A 2 4.59 6.65 -3.03
C VAL A 2 5.82 7.24 -2.36
N ALA A 3 5.59 8.10 -1.36
CA ALA A 3 6.69 8.74 -0.64
C ALA A 3 7.52 7.70 0.13
N TYR A 4 6.88 6.62 0.52
CA TYR A 4 7.56 5.56 1.27
C TYR A 4 8.48 4.75 0.35
N GLY A 5 7.92 4.30 -0.77
CA GLY A 5 8.70 3.51 -1.72
C GLY A 5 7.82 2.72 -2.66
N ILE A 6 6.85 3.37 -3.28
CA ILE A 6 5.94 2.72 -4.21
C ILE A 6 5.81 3.52 -5.49
N ALA A 7 5.68 2.81 -6.61
CA ALA A 7 5.54 3.45 -7.92
C ALA A 7 4.44 4.49 -7.90
N GLN A 8 4.58 5.51 -8.74
CA GLN A 8 3.59 6.58 -8.82
C GLN A 8 2.27 6.07 -9.40
N GLY A 9 2.34 5.50 -10.60
CA GLY A 9 1.15 4.97 -11.24
C GLY A 9 0.64 3.71 -10.57
N THR A 10 1.57 2.86 -10.13
CA THR A 10 1.20 1.62 -9.46
C THR A 10 0.61 1.88 -8.08
N ALA A 11 0.97 3.00 -7.49
CA ALA A 11 0.47 3.37 -6.17
C ALA A 11 -1.04 3.28 -6.11
N GLU A 12 -1.70 3.68 -7.19
CA GLU A 12 -3.15 3.64 -7.27
C GLU A 12 -3.66 2.22 -7.39
N LYS A 13 -2.88 1.37 -8.06
CA LYS A 13 -3.25 -0.03 -8.24
C LYS A 13 -3.17 -0.79 -6.93
N VAL A 14 -2.01 -0.72 -6.28
CA VAL A 14 -1.80 -1.40 -5.01
C VAL A 14 -2.89 -1.05 -4.01
N VAL A 15 -3.26 0.24 -3.99
CA VAL A 15 -4.29 0.72 -3.07
C VAL A 15 -5.62 0.02 -3.34
N SER A 16 -5.96 -0.12 -4.62
CA SER A 16 -7.21 -0.76 -5.01
C SER A 16 -7.34 -2.14 -4.37
N LEU A 17 -6.22 -2.82 -4.22
CA LEU A 17 -6.20 -4.16 -3.63
C LEU A 17 -6.46 -4.07 -2.12
N ILE A 18 -6.08 -2.96 -1.52
CA ILE A 18 -6.28 -2.76 -0.08
C ILE A 18 -7.77 -2.70 0.26
N ASN A 19 -8.51 -1.90 -0.50
CA ASN A 19 -9.94 -1.75 -0.27
C ASN A 19 -10.65 -3.10 -0.38
N ALA A 20 -10.03 -4.04 -1.08
CA ALA A 20 -10.59 -5.36 -1.26
C ALA A 20 -10.69 -6.11 0.07
N GLY A 21 -9.90 -5.66 1.04
CA GLY A 21 -9.91 -6.29 2.36
C GLY A 21 -9.03 -7.52 2.41
N LEU A 22 -7.74 -7.30 2.62
CA LEU A 22 -6.78 -8.40 2.70
C LEU A 22 -5.50 -7.97 3.41
N THR A 23 -4.73 -8.95 3.86
CA THR A 23 -3.48 -8.67 4.57
C THR A 23 -2.38 -8.27 3.59
N VAL A 24 -1.38 -7.56 4.09
CA VAL A 24 -0.26 -7.11 3.27
C VAL A 24 0.34 -8.28 2.49
N GLY A 25 0.26 -9.47 3.06
CA GLY A 25 0.81 -10.65 2.41
C GLY A 25 0.28 -10.82 1.00
N SER A 26 -1.01 -10.58 0.82
CA SER A 26 -1.64 -10.71 -0.49
C SER A 26 -1.06 -9.71 -1.48
N ILE A 27 -0.58 -8.58 -0.96
CA ILE A 27 0.01 -7.54 -1.79
C ILE A 27 1.25 -8.05 -2.51
N ILE A 28 2.19 -8.59 -1.73
CA ILE A 28 3.43 -9.11 -2.29
C ILE A 28 3.16 -10.24 -3.29
N SER A 29 2.10 -11.00 -3.03
CA SER A 29 1.72 -12.11 -3.90
C SER A 29 1.53 -11.64 -5.33
N ILE A 30 0.88 -10.48 -5.49
CA ILE A 30 0.64 -9.91 -6.81
C ILE A 30 1.90 -9.27 -7.37
N LEU A 31 2.58 -8.48 -6.54
CA LEU A 31 3.80 -7.81 -6.96
C LEU A 31 4.81 -8.80 -7.52
N GLY A 32 4.94 -9.94 -6.85
CA GLY A 32 5.87 -10.97 -7.29
C GLY A 32 7.29 -10.45 -7.37
N GLY A 33 7.71 -9.71 -6.36
CA GLY A 33 9.06 -9.16 -6.34
C GLY A 33 9.64 -9.13 -4.94
N VAL A 34 10.81 -8.52 -4.81
CA VAL A 34 11.49 -8.42 -3.52
C VAL A 34 10.86 -7.33 -2.65
N THR A 35 9.58 -7.47 -2.38
CA THR A 35 8.86 -6.50 -1.56
C THR A 35 8.98 -6.82 -0.08
N VAL A 36 9.82 -7.81 0.23
CA VAL A 36 10.03 -8.22 1.62
C VAL A 36 10.51 -7.05 2.47
N GLY A 37 9.60 -6.43 3.19
CA GLY A 37 9.96 -5.29 4.03
C GLY A 37 8.89 -4.23 4.06
N LEU A 38 8.47 -3.78 2.88
CA LEU A 38 7.44 -2.76 2.76
C LEU A 38 6.15 -3.19 3.45
N SER A 39 5.97 -4.50 3.60
CA SER A 39 4.79 -5.06 4.24
C SER A 39 4.62 -4.47 5.64
N GLY A 40 5.72 -4.05 6.24
CA GLY A 40 5.67 -3.48 7.58
C GLY A 40 5.08 -2.09 7.59
N VAL A 41 5.31 -1.33 6.52
CA VAL A 41 4.80 0.02 6.42
C VAL A 41 3.46 0.05 5.70
N PHE A 42 3.20 -0.95 4.88
CA PHE A 42 1.95 -1.05 4.13
C PHE A 42 0.76 -1.00 5.08
N THR A 43 0.73 -1.91 6.04
CA THR A 43 -0.37 -1.96 7.01
C THR A 43 -0.53 -0.63 7.73
N ALA A 44 0.59 0.00 8.05
CA ALA A 44 0.58 1.29 8.75
C ALA A 44 -0.08 2.36 7.89
N VAL A 45 0.15 2.29 6.59
CA VAL A 45 -0.43 3.26 5.66
C VAL A 45 -1.94 3.08 5.54
N LYS A 46 -2.38 1.83 5.61
CA LYS A 46 -3.81 1.52 5.52
C LYS A 46 -4.60 2.25 6.61
N ALA A 47 -4.15 2.11 7.85
CA ALA A 47 -4.82 2.76 8.97
C ALA A 47 -4.89 4.26 8.77
N ALA A 48 -3.89 4.82 8.09
CA ALA A 48 -3.84 6.25 7.83
C ALA A 48 -5.08 6.72 7.07
N ILE A 49 -5.64 5.82 6.27
CA ILE A 49 -6.83 6.14 5.48
C ILE A 49 -7.97 6.60 6.39
N ALA A 50 -8.32 5.78 7.36
CA ALA A 50 -9.39 6.10 8.29
C ALA A 50 -9.04 7.34 9.11
N LYS A 51 -7.76 7.61 9.25
CA LYS A 51 -7.29 8.76 10.01
C LYS A 51 -7.46 10.05 9.20
N GLN A 52 -7.08 10.00 7.93
CA GLN A 52 -7.20 11.17 7.06
C GLN A 52 -8.07 10.85 5.84
N GLY A 53 -7.50 10.09 4.90
CA GLY A 53 -8.22 9.73 3.70
C GLY A 53 -7.38 8.95 2.71
N ILE A 54 -8.03 8.13 1.89
CA ILE A 54 -7.33 7.33 0.90
C ILE A 54 -6.39 8.19 0.06
N LYS A 55 -6.81 9.42 -0.22
CA LYS A 55 -6.01 10.35 -1.01
C LYS A 55 -4.60 10.49 -0.43
N LYS A 56 -4.53 10.68 0.88
CA LYS A 56 -3.25 10.83 1.56
C LYS A 56 -2.45 9.52 1.50
N ALA A 57 -3.16 8.40 1.55
CA ALA A 57 -2.51 7.09 1.48
C ALA A 57 -1.67 6.95 0.21
N ILE A 58 -2.13 7.57 -0.86
CA ILE A 58 -1.42 7.50 -2.14
C ILE A 58 -0.02 8.09 -2.02
N GLN A 59 0.05 9.37 -1.64
CA GLN A 59 1.33 10.05 -1.48
C GLN A 59 2.19 9.35 -0.44
N LEU A 60 1.54 8.68 0.50
CA LEU A 60 2.25 7.97 1.56
C LEU A 60 3.06 6.81 1.00
N LEU A 1 2.89 5.69 0.11
CA LEU A 1 3.44 4.73 -0.85
C LEU A 1 4.52 5.37 -1.70
N VAL A 2 4.19 6.49 -2.34
CA VAL A 2 5.13 7.20 -3.18
C VAL A 2 6.32 7.71 -2.37
N ALA A 3 6.04 8.37 -1.26
CA ALA A 3 7.09 8.89 -0.39
C ALA A 3 7.93 7.77 0.20
N TYR A 4 7.31 6.61 0.38
CA TYR A 4 8.00 5.45 0.94
C TYR A 4 8.96 4.84 -0.07
N GLY A 5 8.44 4.57 -1.26
CA GLY A 5 9.27 3.98 -2.31
C GLY A 5 8.44 3.35 -3.41
N ILE A 6 7.21 2.95 -3.08
CA ILE A 6 6.32 2.32 -4.03
C ILE A 6 5.98 3.28 -5.17
N ALA A 7 5.99 2.76 -6.40
CA ALA A 7 5.68 3.57 -7.58
C ALA A 7 4.37 4.32 -7.40
N GLN A 8 4.32 5.55 -7.89
CA GLN A 8 3.12 6.37 -7.78
C GLN A 8 2.00 5.80 -8.63
N GLY A 9 2.31 5.48 -9.88
CA GLY A 9 1.31 4.93 -10.77
C GLY A 9 0.63 3.70 -10.21
N THR A 10 1.43 2.76 -9.72
CA THR A 10 0.91 1.52 -9.14
C THR A 10 0.35 1.77 -7.74
N ALA A 11 0.86 2.79 -7.07
CA ALA A 11 0.41 3.12 -5.72
C ALA A 11 -1.11 3.25 -5.67
N GLU A 12 -1.69 3.83 -6.72
CA GLU A 12 -3.13 4.00 -6.79
C GLU A 12 -3.83 2.67 -7.03
N LYS A 13 -3.18 1.79 -7.78
CA LYS A 13 -3.73 0.48 -8.08
C LYS A 13 -3.77 -0.39 -6.83
N VAL A 14 -2.62 -0.54 -6.19
CA VAL A 14 -2.53 -1.35 -4.98
C VAL A 14 -3.59 -0.94 -3.96
N VAL A 15 -3.88 0.35 -3.91
CA VAL A 15 -4.88 0.88 -2.98
C VAL A 15 -6.21 0.17 -3.15
N SER A 16 -6.65 0.03 -4.38
CA SER A 16 -7.93 -0.63 -4.68
C SER A 16 -7.98 -2.01 -4.04
N LEU A 17 -6.83 -2.66 -3.98
CA LEU A 17 -6.74 -4.00 -3.39
C LEU A 17 -6.93 -3.94 -1.88
N ILE A 18 -6.50 -2.83 -1.28
CA ILE A 18 -6.63 -2.66 0.17
C ILE A 18 -8.09 -2.60 0.59
N ASN A 19 -8.87 -1.76 -0.09
CA ASN A 19 -10.28 -1.61 0.22
C ASN A 19 -11.01 -2.95 0.07
N ALA A 20 -10.43 -3.86 -0.69
CA ALA A 20 -11.01 -5.18 -0.91
C ALA A 20 -11.07 -5.97 0.39
N GLY A 21 -10.24 -5.58 1.36
CA GLY A 21 -10.22 -6.26 2.63
C GLY A 21 -9.19 -7.39 2.67
N LEU A 22 -7.93 -7.01 2.83
CA LEU A 22 -6.84 -7.98 2.88
C LEU A 22 -5.60 -7.39 3.54
N THR A 23 -4.87 -8.23 4.28
CA THR A 23 -3.67 -7.79 4.96
C THR A 23 -2.50 -7.65 3.99
N VAL A 24 -1.45 -6.98 4.43
CA VAL A 24 -0.26 -6.78 3.60
C VAL A 24 0.23 -8.10 3.03
N GLY A 25 0.00 -9.18 3.76
CA GLY A 25 0.44 -10.49 3.30
C GLY A 25 -0.07 -10.82 1.91
N SER A 26 -1.29 -10.38 1.62
CA SER A 26 -1.89 -10.64 0.31
C SER A 26 -1.21 -9.82 -0.77
N ILE A 27 -0.66 -8.67 -0.38
CA ILE A 27 0.02 -7.79 -1.32
C ILE A 27 1.31 -8.43 -1.83
N ILE A 28 2.13 -8.92 -0.89
CA ILE A 28 3.39 -9.56 -1.25
C ILE A 28 3.18 -10.63 -2.30
N SER A 29 2.03 -11.30 -2.25
CA SER A 29 1.71 -12.36 -3.20
C SER A 29 1.74 -11.83 -4.63
N ILE A 30 1.30 -10.59 -4.81
CA ILE A 30 1.27 -9.97 -6.13
C ILE A 30 2.66 -9.51 -6.54
N LEU A 31 3.23 -8.59 -5.76
CA LEU A 31 4.56 -8.06 -6.04
C LEU A 31 5.58 -9.19 -6.19
N GLY A 32 5.31 -10.30 -5.53
CA GLY A 32 6.21 -11.45 -5.60
C GLY A 32 7.25 -11.44 -4.50
N GLY A 33 7.05 -10.58 -3.50
CA GLY A 33 8.00 -10.50 -2.40
C GLY A 33 9.42 -10.28 -2.87
N VAL A 34 9.58 -9.52 -3.95
CA VAL A 34 10.90 -9.24 -4.50
C VAL A 34 11.62 -8.18 -3.69
N THR A 35 10.86 -7.26 -3.12
CA THR A 35 11.42 -6.18 -2.31
C THR A 35 11.61 -6.62 -0.87
N VAL A 36 10.68 -7.42 -0.37
CA VAL A 36 10.74 -7.91 1.00
C VAL A 36 10.96 -6.76 1.98
N GLY A 37 9.98 -5.86 2.05
CA GLY A 37 10.08 -4.72 2.95
C GLY A 37 8.87 -3.82 2.88
N LEU A 38 8.30 -3.69 1.70
CA LEU A 38 7.13 -2.84 1.49
C LEU A 38 5.98 -3.30 2.38
N SER A 39 6.01 -4.57 2.79
CA SER A 39 4.97 -5.12 3.65
C SER A 39 4.98 -4.44 5.02
N GLY A 40 6.13 -3.90 5.40
CA GLY A 40 6.24 -3.23 6.68
C GLY A 40 5.67 -1.83 6.66
N VAL A 41 5.74 -1.18 5.50
CA VAL A 41 5.21 0.17 5.34
C VAL A 41 3.78 0.16 4.85
N PHE A 42 3.39 -0.92 4.18
CA PHE A 42 2.03 -1.06 3.66
C PHE A 42 1.01 -1.05 4.80
N THR A 43 1.31 -1.80 5.86
CA THR A 43 0.42 -1.89 7.01
C THR A 43 0.14 -0.51 7.60
N ALA A 44 1.18 0.32 7.67
CA ALA A 44 1.05 1.66 8.20
C ALA A 44 0.14 2.52 7.32
N VAL A 45 0.25 2.33 6.01
CA VAL A 45 -0.56 3.08 5.06
C VAL A 45 -2.03 2.75 5.19
N LYS A 46 -2.32 1.49 5.54
CA LYS A 46 -3.69 1.04 5.71
C LYS A 46 -4.43 1.91 6.73
N ALA A 47 -3.84 2.07 7.91
CA ALA A 47 -4.45 2.87 8.97
C ALA A 47 -4.56 4.32 8.54
N ALA A 48 -3.63 4.77 7.70
CA ALA A 48 -3.63 6.15 7.22
C ALA A 48 -4.89 6.44 6.40
N ILE A 49 -5.27 5.50 5.54
CA ILE A 49 -6.44 5.67 4.71
C ILE A 49 -7.68 5.94 5.55
N ALA A 50 -7.97 5.04 6.49
CA ALA A 50 -9.12 5.17 7.37
C ALA A 50 -8.97 6.40 8.27
N LYS A 51 -7.74 6.85 8.46
CA LYS A 51 -7.46 8.01 9.29
C LYS A 51 -7.80 9.30 8.57
N GLN A 52 -7.13 9.54 7.44
CA GLN A 52 -7.37 10.74 6.66
C GLN A 52 -8.16 10.41 5.38
N GLY A 53 -7.55 9.62 4.51
CA GLY A 53 -8.21 9.24 3.27
C GLY A 53 -7.26 8.56 2.30
N ILE A 54 -7.83 7.80 1.37
CA ILE A 54 -7.04 7.09 0.38
C ILE A 54 -6.07 8.04 -0.32
N LYS A 55 -6.50 9.27 -0.53
CA LYS A 55 -5.67 10.28 -1.19
C LYS A 55 -4.32 10.41 -0.49
N LYS A 56 -4.34 10.48 0.83
CA LYS A 56 -3.12 10.60 1.62
C LYS A 56 -2.27 9.34 1.50
N ALA A 57 -2.94 8.20 1.36
CA ALA A 57 -2.24 6.92 1.24
C ALA A 57 -1.31 6.92 0.04
N ILE A 58 -1.69 7.64 -1.02
CA ILE A 58 -0.88 7.71 -2.23
C ILE A 58 0.47 8.34 -1.93
N GLN A 59 0.45 9.58 -1.44
CA GLN A 59 1.69 10.29 -1.11
C GLN A 59 2.59 9.44 -0.23
N LEU A 60 1.97 8.62 0.63
CA LEU A 60 2.72 7.76 1.53
C LEU A 60 3.51 6.71 0.76
N LEU A 1 2.50 5.26 0.32
CA LEU A 1 2.95 4.13 -0.46
C LEU A 1 4.03 4.54 -1.46
N VAL A 2 3.73 5.56 -2.27
CA VAL A 2 4.68 6.05 -3.25
C VAL A 2 5.93 6.61 -2.59
N ALA A 3 5.73 7.47 -1.59
CA ALA A 3 6.85 8.07 -0.88
C ALA A 3 7.64 7.02 -0.12
N TYR A 4 6.97 5.96 0.31
CA TYR A 4 7.61 4.89 1.05
C TYR A 4 8.45 4.02 0.12
N GLY A 5 7.85 3.60 -0.98
CA GLY A 5 8.55 2.76 -1.94
C GLY A 5 7.61 1.98 -2.83
N ILE A 6 6.75 2.68 -3.55
CA ILE A 6 5.79 2.05 -4.45
C ILE A 6 5.64 2.84 -5.74
N ALA A 7 5.46 2.12 -6.85
CA ALA A 7 5.30 2.76 -8.15
C ALA A 7 4.17 3.78 -8.12
N GLN A 8 4.28 4.79 -8.97
CA GLN A 8 3.27 5.84 -9.04
C GLN A 8 1.93 5.28 -9.51
N GLY A 9 1.94 4.65 -10.68
CA GLY A 9 0.72 4.08 -11.22
C GLY A 9 0.27 2.85 -10.46
N THR A 10 1.22 2.15 -9.84
CA THR A 10 0.92 0.95 -9.08
C THR A 10 0.28 1.30 -7.73
N ALA A 11 0.87 2.26 -7.03
CA ALA A 11 0.37 2.68 -5.73
C ALA A 11 -1.12 3.01 -5.82
N GLU A 12 -1.56 3.50 -6.99
CA GLU A 12 -2.95 3.86 -7.19
C GLU A 12 -3.83 2.62 -7.22
N LYS A 13 -3.48 1.66 -8.07
CA LYS A 13 -4.25 0.43 -8.19
C LYS A 13 -4.21 -0.37 -6.88
N VAL A 14 -3.05 -0.40 -6.25
CA VAL A 14 -2.89 -1.12 -5.00
C VAL A 14 -3.93 -0.67 -3.97
N VAL A 15 -4.27 0.60 -4.01
CA VAL A 15 -5.25 1.16 -3.08
C VAL A 15 -6.57 0.40 -3.16
N SER A 16 -6.98 0.04 -4.37
CA SER A 16 -8.22 -0.69 -4.58
C SER A 16 -8.18 -2.04 -3.87
N LEU A 17 -6.99 -2.62 -3.79
CA LEU A 17 -6.81 -3.91 -3.13
C LEU A 17 -6.97 -3.79 -1.62
N ILE A 18 -6.59 -2.63 -1.09
CA ILE A 18 -6.70 -2.38 0.34
C ILE A 18 -8.15 -2.37 0.80
N ASN A 19 -8.99 -1.63 0.07
CA ASN A 19 -10.41 -1.54 0.39
C ASN A 19 -11.05 -2.91 0.41
N ALA A 20 -10.52 -3.81 -0.41
CA ALA A 20 -11.05 -5.17 -0.50
C ALA A 20 -10.86 -5.92 0.82
N GLY A 21 -9.94 -5.44 1.64
CA GLY A 21 -9.67 -6.06 2.93
C GLY A 21 -8.65 -7.17 2.82
N LEU A 22 -7.87 -7.16 1.75
CA LEU A 22 -6.83 -8.17 1.54
C LEU A 22 -5.64 -7.92 2.45
N THR A 23 -4.90 -8.98 2.76
CA THR A 23 -3.73 -8.88 3.62
C THR A 23 -2.54 -8.30 2.87
N VAL A 24 -1.80 -7.42 3.53
CA VAL A 24 -0.63 -6.80 2.92
C VAL A 24 0.30 -7.83 2.31
N GLY A 25 0.31 -9.03 2.90
CA GLY A 25 1.17 -10.09 2.41
C GLY A 25 0.95 -10.37 0.94
N SER A 26 -0.30 -10.19 0.48
CA SER A 26 -0.64 -10.43 -0.91
C SER A 26 0.02 -9.40 -1.83
N ILE A 27 0.27 -8.22 -1.29
CA ILE A 27 0.91 -7.15 -2.04
C ILE A 27 2.29 -7.57 -2.53
N ILE A 28 3.05 -8.24 -1.67
CA ILE A 28 4.38 -8.70 -2.00
C ILE A 28 4.35 -9.66 -3.19
N SER A 29 3.42 -10.61 -3.14
CA SER A 29 3.28 -11.59 -4.21
C SER A 29 3.06 -10.90 -5.56
N ILE A 30 2.40 -9.75 -5.52
CA ILE A 30 2.12 -9.00 -6.74
C ILE A 30 3.39 -8.40 -7.33
N LEU A 31 4.06 -7.55 -6.55
CA LEU A 31 5.30 -6.92 -7.00
C LEU A 31 6.32 -7.96 -7.42
N GLY A 32 6.42 -9.03 -6.65
CA GLY A 32 7.37 -10.09 -6.95
C GLY A 32 8.76 -9.57 -7.18
N GLY A 33 9.10 -8.45 -6.54
CA GLY A 33 10.41 -7.86 -6.69
C GLY A 33 11.08 -7.55 -5.37
N VAL A 34 11.29 -8.59 -4.56
CA VAL A 34 11.91 -8.42 -3.25
C VAL A 34 11.24 -7.31 -2.46
N THR A 35 9.92 -7.42 -2.29
CA THR A 35 9.16 -6.43 -1.55
C THR A 35 9.14 -6.73 -0.06
N VAL A 36 9.92 -7.73 0.34
CA VAL A 36 10.00 -8.12 1.74
C VAL A 36 10.37 -6.94 2.63
N GLY A 37 9.36 -6.37 3.28
CA GLY A 37 9.59 -5.23 4.15
C GLY A 37 8.51 -4.19 4.05
N LEU A 38 8.05 -3.92 2.83
CA LEU A 38 7.01 -2.93 2.60
C LEU A 38 5.68 -3.38 3.23
N SER A 39 5.58 -4.67 3.52
CA SER A 39 4.38 -5.24 4.12
C SER A 39 4.21 -4.75 5.55
N GLY A 40 5.32 -4.68 6.28
CA GLY A 40 5.29 -4.23 7.66
C GLY A 40 4.86 -2.78 7.79
N VAL A 41 5.03 -2.02 6.71
CA VAL A 41 4.66 -0.61 6.71
C VAL A 41 3.34 -0.39 5.99
N PHE A 42 2.99 -1.32 5.10
CA PHE A 42 1.75 -1.23 4.34
C PHE A 42 0.54 -1.18 5.27
N THR A 43 0.50 -2.11 6.24
CA THR A 43 -0.60 -2.17 7.19
C THR A 43 -0.73 -0.87 7.96
N ALA A 44 0.40 -0.32 8.40
CA ALA A 44 0.41 0.93 9.15
C ALA A 44 -0.19 2.06 8.33
N VAL A 45 0.06 2.05 7.02
CA VAL A 45 -0.47 3.07 6.13
C VAL A 45 -1.97 2.93 5.95
N LYS A 46 -2.45 1.69 5.98
CA LYS A 46 -3.87 1.42 5.83
C LYS A 46 -4.70 2.27 6.79
N ALA A 47 -4.35 2.20 8.08
CA ALA A 47 -5.06 2.96 9.09
C ALA A 47 -4.91 4.46 8.86
N ALA A 48 -3.79 4.85 8.28
CA ALA A 48 -3.52 6.26 8.00
C ALA A 48 -4.62 6.86 7.12
N ILE A 49 -5.24 6.03 6.30
CA ILE A 49 -6.31 6.48 5.42
C ILE A 49 -7.43 7.14 6.21
N ALA A 50 -7.98 6.41 7.18
CA ALA A 50 -9.05 6.94 8.01
C ALA A 50 -8.60 8.15 8.80
N LYS A 51 -7.30 8.26 9.02
CA LYS A 51 -6.73 9.37 9.76
C LYS A 51 -6.67 10.63 8.90
N GLN A 52 -6.13 10.48 7.70
CA GLN A 52 -6.00 11.61 6.78
C GLN A 52 -6.99 11.47 5.61
N GLY A 53 -6.71 10.52 4.73
CA GLY A 53 -7.59 10.29 3.59
C GLY A 53 -6.98 9.34 2.58
N ILE A 54 -7.84 8.70 1.77
CA ILE A 54 -7.38 7.76 0.77
C ILE A 54 -6.34 8.41 -0.15
N LYS A 55 -6.60 9.64 -0.55
CA LYS A 55 -5.69 10.37 -1.42
C LYS A 55 -4.30 10.46 -0.81
N LYS A 56 -4.24 10.76 0.49
CA LYS A 56 -2.97 10.86 1.20
C LYS A 56 -2.26 9.51 1.25
N ALA A 57 -3.04 8.44 1.25
CA ALA A 57 -2.48 7.10 1.29
C ALA A 57 -1.58 6.84 0.09
N ILE A 58 -2.01 7.30 -1.07
CA ILE A 58 -1.23 7.12 -2.30
C ILE A 58 0.16 7.70 -2.16
N GLN A 59 0.23 8.99 -1.85
CA GLN A 59 1.51 9.67 -1.68
C GLN A 59 2.40 8.94 -0.68
N LEU A 60 1.75 8.32 0.32
CA LEU A 60 2.48 7.58 1.35
C LEU A 60 3.18 6.36 0.75
N LEU A 1 2.73 6.33 -0.11
CA LEU A 1 3.33 5.33 -0.98
C LEU A 1 4.35 5.97 -1.92
N VAL A 2 3.91 6.99 -2.65
CA VAL A 2 4.78 7.70 -3.59
C VAL A 2 5.97 8.31 -2.87
N ALA A 3 5.69 9.07 -1.81
CA ALA A 3 6.75 9.71 -1.04
C ALA A 3 7.64 8.68 -0.35
N TYR A 4 7.08 7.51 -0.07
CA TYR A 4 7.81 6.44 0.58
C TYR A 4 8.80 5.79 -0.39
N GLY A 5 8.31 5.40 -1.55
CA GLY A 5 9.15 4.77 -2.55
C GLY A 5 8.35 4.04 -3.61
N ILE A 6 7.15 3.61 -3.25
CA ILE A 6 6.29 2.89 -4.18
C ILE A 6 5.94 3.77 -5.39
N ALA A 7 5.95 3.16 -6.57
CA ALA A 7 5.62 3.87 -7.81
C ALA A 7 4.30 4.62 -7.67
N GLN A 8 4.24 5.81 -8.27
CA GLN A 8 3.04 6.63 -8.21
C GLN A 8 1.90 5.98 -8.99
N GLY A 9 2.15 5.72 -10.28
CA GLY A 9 1.14 5.10 -11.12
C GLY A 9 0.57 3.83 -10.50
N THR A 10 1.45 3.00 -9.94
CA THR A 10 1.03 1.75 -9.32
C THR A 10 0.40 2.00 -7.95
N ALA A 11 0.78 3.11 -7.32
CA ALA A 11 0.25 3.46 -6.01
C ALA A 11 -1.27 3.40 -6.00
N GLU A 12 -1.89 3.85 -7.09
CA GLU A 12 -3.33 3.85 -7.20
C GLU A 12 -3.87 2.43 -7.38
N LYS A 13 -3.10 1.59 -8.06
CA LYS A 13 -3.49 0.20 -8.29
C LYS A 13 -3.45 -0.60 -6.99
N VAL A 14 -2.30 -0.58 -6.33
CA VAL A 14 -2.14 -1.30 -5.07
C VAL A 14 -3.24 -0.94 -4.08
N VAL A 15 -3.56 0.35 -4.00
CA VAL A 15 -4.60 0.81 -3.09
C VAL A 15 -5.92 0.10 -3.35
N SER A 16 -6.29 -0.02 -4.62
CA SER A 16 -7.53 -0.68 -4.99
C SER A 16 -7.57 -2.11 -4.46
N LEU A 17 -6.40 -2.74 -4.39
CA LEU A 17 -6.29 -4.11 -3.89
C LEU A 17 -6.53 -4.17 -2.39
N ILE A 18 -6.23 -3.06 -1.71
CA ILE A 18 -6.41 -2.99 -0.26
C ILE A 18 -7.88 -3.13 0.11
N ASN A 19 -8.74 -2.39 -0.59
CA ASN A 19 -10.18 -2.43 -0.33
C ASN A 19 -10.72 -3.85 -0.51
N ALA A 20 -9.99 -4.66 -1.26
CA ALA A 20 -10.40 -6.05 -1.51
C ALA A 20 -10.39 -6.86 -0.21
N GLY A 21 -9.65 -6.36 0.78
CA GLY A 21 -9.58 -7.05 2.05
C GLY A 21 -8.27 -7.81 2.23
N LEU A 22 -7.46 -7.83 1.17
CA LEU A 22 -6.18 -8.52 1.21
C LEU A 22 -5.22 -7.84 2.17
N THR A 23 -4.67 -8.60 3.11
CA THR A 23 -3.73 -8.07 4.09
C THR A 23 -2.35 -7.87 3.47
N VAL A 24 -1.45 -7.25 4.23
CA VAL A 24 -0.10 -6.99 3.76
C VAL A 24 0.55 -8.26 3.21
N GLY A 25 0.14 -9.40 3.77
CA GLY A 25 0.69 -10.67 3.32
C GLY A 25 0.34 -10.99 1.88
N SER A 26 -0.92 -10.74 1.51
CA SER A 26 -1.39 -10.99 0.16
C SER A 26 -0.78 -10.01 -0.83
N ILE A 27 -0.53 -8.79 -0.36
CA ILE A 27 0.04 -7.75 -1.19
C ILE A 27 1.42 -8.16 -1.71
N ILE A 28 2.31 -8.51 -0.78
CA ILE A 28 3.66 -8.93 -1.14
C ILE A 28 3.63 -10.06 -2.16
N SER A 29 2.63 -10.93 -2.05
CA SER A 29 2.49 -12.05 -2.97
C SER A 29 2.27 -11.57 -4.40
N ILE A 30 1.59 -10.43 -4.54
CA ILE A 30 1.32 -9.86 -5.85
C ILE A 30 2.59 -9.32 -6.49
N LEU A 31 3.56 -8.96 -5.66
CA LEU A 31 4.83 -8.44 -6.15
C LEU A 31 5.77 -9.57 -6.57
N GLY A 32 5.57 -10.73 -5.97
CA GLY A 32 6.41 -11.88 -6.29
C GLY A 32 7.01 -12.53 -5.06
N GLY A 33 7.08 -11.77 -3.97
CA GLY A 33 7.63 -12.30 -2.73
C GLY A 33 9.10 -11.96 -2.58
N VAL A 34 9.69 -11.35 -3.60
CA VAL A 34 11.10 -10.98 -3.57
C VAL A 34 11.32 -9.79 -2.65
N THR A 35 10.24 -9.18 -2.20
CA THR A 35 10.33 -8.02 -1.31
C THR A 35 10.62 -8.43 0.12
N VAL A 36 9.65 -9.08 0.76
CA VAL A 36 9.81 -9.53 2.14
C VAL A 36 10.27 -8.39 3.05
N GLY A 37 9.33 -7.53 3.41
CA GLY A 37 9.66 -6.40 4.27
C GLY A 37 8.67 -5.27 4.14
N LEU A 38 8.22 -5.00 2.93
CA LEU A 38 7.27 -3.93 2.66
C LEU A 38 5.98 -4.15 3.46
N SER A 39 5.70 -5.40 3.79
CA SER A 39 4.50 -5.75 4.56
C SER A 39 4.44 -4.94 5.85
N GLY A 40 5.60 -4.63 6.40
CA GLY A 40 5.66 -3.87 7.64
C GLY A 40 5.34 -2.40 7.43
N VAL A 41 5.51 -1.93 6.21
CA VAL A 41 5.24 -0.53 5.87
C VAL A 41 3.81 -0.35 5.36
N PHE A 42 3.31 -1.38 4.69
CA PHE A 42 1.95 -1.33 4.14
C PHE A 42 0.91 -1.25 5.26
N THR A 43 1.06 -2.11 6.26
CA THR A 43 0.14 -2.15 7.38
C THR A 43 0.02 -0.78 8.03
N ALA A 44 1.15 -0.09 8.16
CA ALA A 44 1.17 1.24 8.77
C ALA A 44 0.43 2.25 7.90
N VAL A 45 0.55 2.10 6.59
CA VAL A 45 -0.11 3.00 5.65
C VAL A 45 -1.61 2.77 5.64
N LYS A 46 -2.03 1.51 5.78
CA LYS A 46 -3.44 1.17 5.79
C LYS A 46 -4.19 2.02 6.80
N ALA A 47 -3.69 2.06 8.04
CA ALA A 47 -4.32 2.84 9.09
C ALA A 47 -4.32 4.33 8.76
N ALA A 48 -3.30 4.75 8.02
CA ALA A 48 -3.18 6.16 7.62
C ALA A 48 -4.39 6.61 6.82
N ILE A 49 -4.87 5.73 5.94
CA ILE A 49 -6.02 6.04 5.11
C ILE A 49 -7.23 6.44 5.96
N ALA A 50 -7.61 5.56 6.88
CA ALA A 50 -8.74 5.83 7.75
C ALA A 50 -8.46 7.01 8.66
N LYS A 51 -7.19 7.34 8.84
CA LYS A 51 -6.79 8.45 9.69
C LYS A 51 -7.02 9.78 8.98
N GLN A 52 -6.36 9.96 7.83
CA GLN A 52 -6.50 11.18 7.06
C GLN A 52 -7.46 10.99 5.89
N GLY A 53 -7.01 10.28 4.86
CA GLY A 53 -7.84 10.04 3.70
C GLY A 53 -7.10 9.32 2.59
N ILE A 54 -7.85 8.59 1.76
CA ILE A 54 -7.25 7.83 0.66
C ILE A 54 -6.35 8.73 -0.18
N LYS A 55 -6.74 9.99 -0.34
CA LYS A 55 -5.97 10.94 -1.13
C LYS A 55 -4.55 11.06 -0.58
N LYS A 56 -4.44 11.19 0.73
CA LYS A 56 -3.14 11.31 1.38
C LYS A 56 -2.32 10.02 1.23
N ALA A 57 -3.03 8.89 1.21
CA ALA A 57 -2.38 7.60 1.08
C ALA A 57 -1.51 7.55 -0.18
N ILE A 58 -2.03 8.11 -1.27
CA ILE A 58 -1.30 8.14 -2.53
C ILE A 58 0.07 8.80 -2.37
N GLN A 59 0.06 10.06 -1.96
CA GLN A 59 1.31 10.79 -1.75
C GLN A 59 2.23 10.06 -0.79
N LEU A 60 1.64 9.28 0.12
CA LEU A 60 2.40 8.52 1.10
C LEU A 60 3.25 7.46 0.43
N LEU A 1 2.79 5.63 0.16
CA LEU A 1 3.36 4.64 -0.74
C LEU A 1 4.37 5.28 -1.70
N VAL A 2 3.93 6.32 -2.40
CA VAL A 2 4.79 7.01 -3.34
C VAL A 2 5.98 7.66 -2.63
N ALA A 3 5.70 8.38 -1.55
CA ALA A 3 6.74 9.05 -0.78
C ALA A 3 7.69 8.03 -0.14
N TYR A 4 7.16 6.85 0.16
CA TYR A 4 7.96 5.79 0.76
C TYR A 4 8.90 5.16 -0.26
N GLY A 5 8.35 4.79 -1.42
CA GLY A 5 9.16 4.19 -2.46
C GLY A 5 8.31 3.45 -3.48
N ILE A 6 7.13 3.01 -3.07
CA ILE A 6 6.23 2.29 -3.96
C ILE A 6 5.90 3.12 -5.20
N ALA A 7 5.92 2.46 -6.36
CA ALA A 7 5.62 3.14 -7.62
C ALA A 7 4.31 3.91 -7.53
N GLN A 8 4.32 5.15 -8.02
CA GLN A 8 3.13 5.99 -7.99
C GLN A 8 2.05 5.44 -8.93
N GLY A 9 2.43 5.26 -10.20
CA GLY A 9 1.48 4.75 -11.17
C GLY A 9 0.81 3.46 -10.71
N THR A 10 1.59 2.56 -10.13
CA THR A 10 1.06 1.30 -9.64
C THR A 10 0.28 1.48 -8.35
N ALA A 11 0.81 2.32 -7.47
CA ALA A 11 0.16 2.59 -6.19
C ALA A 11 -1.31 2.96 -6.39
N GLU A 12 -1.61 3.59 -7.52
CA GLU A 12 -2.97 4.00 -7.82
C GLU A 12 -3.91 2.80 -7.83
N LYS A 13 -3.60 1.82 -8.66
CA LYS A 13 -4.42 0.61 -8.76
C LYS A 13 -4.32 -0.22 -7.48
N VAL A 14 -3.15 -0.20 -6.86
CA VAL A 14 -2.92 -0.96 -5.63
C VAL A 14 -3.92 -0.55 -4.55
N VAL A 15 -4.28 0.74 -4.54
CA VAL A 15 -5.23 1.25 -3.55
C VAL A 15 -6.54 0.47 -3.59
N SER A 16 -7.07 0.28 -4.79
CA SER A 16 -8.32 -0.46 -4.96
C SER A 16 -8.26 -1.81 -4.27
N LEU A 17 -7.07 -2.41 -4.26
CA LEU A 17 -6.87 -3.71 -3.63
C LEU A 17 -6.95 -3.60 -2.12
N ILE A 18 -6.49 -2.48 -1.58
CA ILE A 18 -6.52 -2.24 -0.15
C ILE A 18 -7.95 -2.18 0.38
N ASN A 19 -8.78 -1.36 -0.28
CA ASN A 19 -10.17 -1.21 0.11
C ASN A 19 -10.89 -2.55 0.11
N ALA A 20 -10.38 -3.49 -0.69
CA ALA A 20 -10.98 -4.81 -0.79
C ALA A 20 -10.88 -5.56 0.53
N GLY A 21 -9.95 -5.12 1.39
CA GLY A 21 -9.78 -5.77 2.68
C GLY A 21 -8.65 -6.78 2.67
N LEU A 22 -7.84 -6.75 1.61
CA LEU A 22 -6.72 -7.68 1.48
C LEU A 22 -5.58 -7.28 2.40
N THR A 23 -4.93 -8.28 3.01
CA THR A 23 -3.82 -8.02 3.90
C THR A 23 -2.52 -7.84 3.14
N VAL A 24 -1.53 -7.23 3.78
CA VAL A 24 -0.24 -6.99 3.15
C VAL A 24 0.32 -8.28 2.56
N GLY A 25 -0.01 -9.40 3.18
CA GLY A 25 0.46 -10.69 2.70
C GLY A 25 0.18 -10.90 1.23
N SER A 26 -1.04 -10.56 0.81
CA SER A 26 -1.45 -10.73 -0.57
C SER A 26 -0.72 -9.74 -1.48
N ILE A 27 -0.47 -8.54 -0.95
CA ILE A 27 0.23 -7.50 -1.71
C ILE A 27 1.63 -7.96 -2.12
N ILE A 28 2.30 -8.68 -1.21
CA ILE A 28 3.64 -9.18 -1.49
C ILE A 28 3.65 -10.12 -2.68
N SER A 29 2.68 -11.03 -2.72
CA SER A 29 2.57 -11.99 -3.81
C SER A 29 2.30 -11.28 -5.14
N ILE A 30 1.60 -10.15 -5.06
CA ILE A 30 1.28 -9.38 -6.25
C ILE A 30 2.52 -8.71 -6.83
N LEU A 31 3.14 -7.84 -6.04
CA LEU A 31 4.35 -7.14 -6.47
C LEU A 31 5.47 -8.12 -6.79
N GLY A 32 5.62 -9.13 -5.94
CA GLY A 32 6.66 -10.13 -6.15
C GLY A 32 8.01 -9.51 -6.36
N GLY A 33 8.25 -8.35 -5.74
CA GLY A 33 9.52 -7.67 -5.87
C GLY A 33 10.13 -7.31 -4.53
N VAL A 34 10.60 -8.34 -3.80
CA VAL A 34 11.21 -8.13 -2.51
C VAL A 34 10.34 -7.24 -1.63
N THR A 35 9.06 -7.60 -1.51
CA THR A 35 8.12 -6.84 -0.70
C THR A 35 8.13 -7.31 0.75
N VAL A 36 9.08 -8.18 1.08
CA VAL A 36 9.21 -8.71 2.43
C VAL A 36 9.33 -7.59 3.45
N GLY A 37 9.82 -6.44 2.99
CA GLY A 37 9.98 -5.30 3.88
C GLY A 37 8.75 -4.41 3.92
N LEU A 38 7.93 -4.50 2.88
CA LEU A 38 6.72 -3.69 2.80
C LEU A 38 5.72 -4.09 3.88
N SER A 39 5.92 -5.28 4.45
CA SER A 39 5.04 -5.78 5.50
C SER A 39 4.90 -4.76 6.63
N GLY A 40 5.93 -3.95 6.81
CA GLY A 40 5.91 -2.94 7.85
C GLY A 40 5.55 -1.57 7.32
N VAL A 41 5.58 -1.42 6.00
CA VAL A 41 5.26 -0.15 5.36
C VAL A 41 3.78 -0.08 4.98
N PHE A 42 3.35 -1.02 4.15
CA PHE A 42 1.95 -1.06 3.71
C PHE A 42 1.01 -1.01 4.91
N THR A 43 1.45 -1.56 6.03
CA THR A 43 0.64 -1.59 7.24
C THR A 43 0.34 -0.18 7.73
N ALA A 44 1.38 0.62 7.90
CA ALA A 44 1.23 2.00 8.35
C ALA A 44 0.34 2.79 7.40
N VAL A 45 0.44 2.49 6.11
CA VAL A 45 -0.34 3.19 5.10
C VAL A 45 -1.83 2.91 5.28
N LYS A 46 -2.17 1.64 5.48
CA LYS A 46 -3.56 1.23 5.67
C LYS A 46 -4.20 2.01 6.81
N ALA A 47 -3.48 2.14 7.92
CA ALA A 47 -3.98 2.86 9.08
C ALA A 47 -4.19 4.34 8.75
N ALA A 48 -3.30 4.89 7.93
CA ALA A 48 -3.40 6.29 7.54
C ALA A 48 -4.73 6.58 6.86
N ILE A 49 -5.27 5.59 6.15
CA ILE A 49 -6.54 5.74 5.46
C ILE A 49 -7.64 6.17 6.42
N ALA A 50 -7.84 5.37 7.47
CA ALA A 50 -8.86 5.67 8.47
C ALA A 50 -8.56 6.97 9.20
N LYS A 51 -7.28 7.36 9.19
CA LYS A 51 -6.85 8.59 9.86
C LYS A 51 -7.23 9.81 9.03
N GLN A 52 -6.91 9.76 7.74
CA GLN A 52 -7.21 10.87 6.84
C GLN A 52 -8.09 10.41 5.69
N GLY A 53 -7.53 9.57 4.82
CA GLY A 53 -8.28 9.07 3.68
C GLY A 53 -7.40 8.31 2.70
N ILE A 54 -8.01 7.43 1.92
CA ILE A 54 -7.28 6.64 0.94
C ILE A 54 -6.43 7.53 0.04
N LYS A 55 -6.94 8.71 -0.26
CA LYS A 55 -6.22 9.67 -1.11
C LYS A 55 -4.85 9.98 -0.53
N LYS A 56 -4.79 10.18 0.79
CA LYS A 56 -3.54 10.48 1.46
C LYS A 56 -2.59 9.30 1.40
N ALA A 57 -3.14 8.09 1.47
CA ALA A 57 -2.33 6.87 1.41
C ALA A 57 -1.48 6.83 0.15
N ILE A 58 -2.02 7.39 -0.93
CA ILE A 58 -1.31 7.41 -2.22
C ILE A 58 0.06 8.10 -2.07
N GLN A 59 0.03 9.34 -1.63
CA GLN A 59 1.26 10.12 -1.44
C GLN A 59 2.22 9.38 -0.51
N LEU A 60 1.67 8.60 0.41
CA LEU A 60 2.48 7.85 1.36
C LEU A 60 3.31 6.78 0.65
N LEU A 1 2.66 6.06 -0.36
CA LEU A 1 3.26 5.09 -1.27
C LEU A 1 4.18 5.78 -2.28
N VAL A 2 3.63 6.77 -2.98
CA VAL A 2 4.40 7.52 -3.97
C VAL A 2 5.57 8.25 -3.33
N ALA A 3 5.28 8.97 -2.25
CA ALA A 3 6.30 9.73 -1.53
C ALA A 3 7.34 8.80 -0.93
N TYR A 4 6.92 7.59 -0.59
CA TYR A 4 7.81 6.60 0.01
C TYR A 4 8.77 6.02 -1.04
N GLY A 5 8.21 5.57 -2.16
CA GLY A 5 9.02 5.00 -3.21
C GLY A 5 8.20 4.20 -4.20
N ILE A 6 7.09 3.65 -3.74
CA ILE A 6 6.21 2.86 -4.60
C ILE A 6 5.77 3.66 -5.82
N ALA A 7 5.81 3.01 -6.99
CA ALA A 7 5.40 3.66 -8.23
C ALA A 7 4.03 4.30 -8.10
N GLN A 8 3.89 5.52 -8.59
CA GLN A 8 2.62 6.23 -8.53
C GLN A 8 1.58 5.57 -9.42
N GLY A 9 2.00 5.18 -10.63
CA GLY A 9 1.09 4.54 -11.55
C GLY A 9 0.47 3.28 -10.99
N THR A 10 1.30 2.42 -10.40
CA THR A 10 0.82 1.17 -9.82
C THR A 10 0.15 1.42 -8.47
N ALA A 11 0.65 2.41 -7.74
CA ALA A 11 0.09 2.75 -6.44
C ALA A 11 -1.42 2.93 -6.52
N GLU A 12 -1.87 3.71 -7.50
CA GLU A 12 -3.30 3.96 -7.68
C GLU A 12 -4.08 2.65 -7.72
N LYS A 13 -3.61 1.71 -8.53
CA LYS A 13 -4.26 0.42 -8.66
C LYS A 13 -4.13 -0.39 -7.38
N VAL A 14 -2.96 -0.31 -6.76
CA VAL A 14 -2.71 -1.04 -5.52
C VAL A 14 -3.66 -0.60 -4.41
N VAL A 15 -3.99 0.68 -4.42
CA VAL A 15 -4.90 1.24 -3.41
C VAL A 15 -6.22 0.48 -3.39
N SER A 16 -6.70 0.10 -4.57
CA SER A 16 -7.96 -0.63 -4.69
C SER A 16 -7.89 -1.97 -3.94
N LEU A 17 -6.70 -2.57 -3.94
CA LEU A 17 -6.49 -3.85 -3.28
C LEU A 17 -6.52 -3.68 -1.77
N ILE A 18 -5.95 -2.58 -1.29
CA ILE A 18 -5.91 -2.30 0.14
C ILE A 18 -7.31 -2.09 0.70
N ASN A 19 -8.09 -1.23 0.04
CA ASN A 19 -9.46 -0.94 0.47
C ASN A 19 -10.30 -2.22 0.50
N ALA A 20 -9.92 -3.18 -0.33
CA ALA A 20 -10.64 -4.45 -0.40
C ALA A 20 -10.52 -5.22 0.90
N GLY A 21 -9.51 -4.87 1.70
CA GLY A 21 -9.30 -5.54 2.98
C GLY A 21 -8.33 -6.70 2.88
N LEU A 22 -7.54 -6.70 1.81
CA LEU A 22 -6.56 -7.76 1.59
C LEU A 22 -5.35 -7.58 2.52
N THR A 23 -4.83 -8.69 3.03
CA THR A 23 -3.68 -8.65 3.93
C THR A 23 -2.39 -8.42 3.15
N VAL A 24 -1.37 -7.92 3.84
CA VAL A 24 -0.08 -7.65 3.21
C VAL A 24 0.42 -8.88 2.47
N GLY A 25 0.05 -10.06 2.95
CA GLY A 25 0.47 -11.29 2.30
C GLY A 25 0.15 -11.32 0.82
N SER A 26 -1.11 -11.05 0.50
CA SER A 26 -1.56 -11.05 -0.89
C SER A 26 -0.85 -9.95 -1.69
N ILE A 27 -0.44 -8.90 -0.99
CA ILE A 27 0.25 -7.78 -1.63
C ILE A 27 1.62 -8.20 -2.13
N ILE A 28 2.38 -8.89 -1.28
CA ILE A 28 3.71 -9.35 -1.64
C ILE A 28 3.70 -10.12 -2.95
N SER A 29 2.60 -10.83 -3.20
CA SER A 29 2.45 -11.61 -4.42
C SER A 29 2.54 -10.71 -5.66
N ILE A 30 1.76 -9.64 -5.66
CA ILE A 30 1.75 -8.70 -6.78
C ILE A 30 2.96 -7.79 -6.74
N LEU A 31 3.51 -7.59 -5.54
CA LEU A 31 4.68 -6.73 -5.37
C LEU A 31 5.89 -7.32 -6.10
N GLY A 32 5.88 -8.63 -6.31
CA GLY A 32 6.97 -9.28 -6.99
C GLY A 32 7.51 -10.47 -6.22
N GLY A 33 7.58 -10.34 -4.90
CA GLY A 33 8.08 -11.41 -4.07
C GLY A 33 9.13 -10.93 -3.09
N VAL A 34 9.16 -11.56 -1.91
CA VAL A 34 10.12 -11.19 -0.88
C VAL A 34 10.11 -9.69 -0.63
N THR A 35 8.96 -9.07 -0.86
CA THR A 35 8.81 -7.63 -0.65
C THR A 35 8.39 -7.32 0.78
N VAL A 36 8.43 -8.33 1.63
CA VAL A 36 8.04 -8.16 3.03
C VAL A 36 8.77 -6.99 3.67
N GLY A 37 9.97 -6.70 3.17
CA GLY A 37 10.75 -5.60 3.70
C GLY A 37 10.00 -4.28 3.64
N LEU A 38 9.71 -3.82 2.43
CA LEU A 38 8.99 -2.55 2.24
C LEU A 38 7.56 -2.66 2.76
N SER A 39 7.02 -3.88 2.74
CA SER A 39 5.66 -4.11 3.21
C SER A 39 5.52 -3.73 4.68
N GLY A 40 6.65 -3.67 5.38
CA GLY A 40 6.63 -3.32 6.79
C GLY A 40 5.87 -2.04 7.06
N VAL A 41 5.83 -1.16 6.07
CA VAL A 41 5.13 0.12 6.21
C VAL A 41 3.70 0.02 5.66
N PHE A 42 3.49 -0.95 4.77
CA PHE A 42 2.17 -1.14 4.17
C PHE A 42 1.09 -1.23 5.25
N THR A 43 1.38 -1.95 6.32
CA THR A 43 0.44 -2.11 7.43
C THR A 43 0.11 -0.76 8.07
N ALA A 44 1.14 0.03 8.33
CA ALA A 44 0.96 1.34 8.94
C ALA A 44 0.24 2.29 8.00
N VAL A 45 0.48 2.13 6.71
CA VAL A 45 -0.15 2.98 5.70
C VAL A 45 -1.66 2.79 5.69
N LYS A 46 -2.09 1.53 5.81
CA LYS A 46 -3.51 1.20 5.82
C LYS A 46 -4.25 1.99 6.89
N ALA A 47 -3.61 2.14 8.05
CA ALA A 47 -4.21 2.88 9.16
C ALA A 47 -4.42 4.34 8.79
N ALA A 48 -3.53 4.88 7.96
CA ALA A 48 -3.63 6.27 7.52
C ALA A 48 -4.98 6.54 6.85
N ILE A 49 -5.48 5.55 6.12
CA ILE A 49 -6.76 5.69 5.42
C ILE A 49 -7.87 6.04 6.40
N ALA A 50 -8.04 5.20 7.43
CA ALA A 50 -9.07 5.42 8.43
C ALA A 50 -8.82 6.71 9.20
N LYS A 51 -7.56 7.15 9.21
CA LYS A 51 -7.18 8.37 9.92
C LYS A 51 -7.61 9.61 9.13
N GLN A 52 -7.07 9.75 7.91
CA GLN A 52 -7.40 10.88 7.06
C GLN A 52 -8.23 10.44 5.87
N GLY A 53 -7.69 9.53 5.08
CA GLY A 53 -8.40 9.04 3.91
C GLY A 53 -7.49 8.37 2.91
N ILE A 54 -8.06 7.53 2.05
CA ILE A 54 -7.28 6.82 1.04
C ILE A 54 -6.41 7.78 0.24
N LYS A 55 -6.88 9.01 0.09
CA LYS A 55 -6.14 10.03 -0.65
C LYS A 55 -4.73 10.17 -0.11
N LYS A 56 -4.61 10.21 1.22
CA LYS A 56 -3.31 10.35 1.87
C LYS A 56 -2.44 9.13 1.59
N ALA A 57 -3.06 7.97 1.48
CA ALA A 57 -2.34 6.73 1.21
C ALA A 57 -1.68 6.77 -0.16
N ILE A 58 -2.31 7.46 -1.10
CA ILE A 58 -1.77 7.57 -2.46
C ILE A 58 -0.45 8.30 -2.46
N GLN A 59 -0.46 9.56 -2.01
CA GLN A 59 0.74 10.37 -1.96
C GLN A 59 1.79 9.73 -1.06
N LEU A 60 1.34 8.93 -0.10
CA LEU A 60 2.24 8.26 0.83
C LEU A 60 3.11 7.25 0.09
N LEU A 1 2.78 6.08 0.00
CA LEU A 1 3.30 5.12 -0.95
C LEU A 1 4.27 5.78 -1.92
N VAL A 2 3.81 6.84 -2.57
CA VAL A 2 4.63 7.57 -3.52
C VAL A 2 5.87 8.16 -2.85
N ALA A 3 5.66 8.86 -1.74
CA ALA A 3 6.75 9.47 -1.00
C ALA A 3 7.68 8.41 -0.42
N TYR A 4 7.12 7.23 -0.13
CA TYR A 4 7.91 6.14 0.43
C TYR A 4 8.79 5.50 -0.64
N GLY A 5 8.19 5.15 -1.77
CA GLY A 5 8.93 4.54 -2.85
C GLY A 5 8.03 3.87 -3.87
N ILE A 6 6.85 3.44 -3.43
CA ILE A 6 5.90 2.79 -4.32
C ILE A 6 5.55 3.68 -5.51
N ALA A 7 5.59 3.10 -6.70
CA ALA A 7 5.27 3.83 -7.92
C ALA A 7 3.94 4.55 -7.79
N GLN A 8 3.84 5.72 -8.41
CA GLN A 8 2.61 6.51 -8.36
C GLN A 8 1.49 5.81 -9.13
N GLY A 9 1.74 5.53 -10.41
CA GLY A 9 0.73 4.88 -11.23
C GLY A 9 0.26 3.57 -10.62
N THR A 10 1.18 2.80 -10.07
CA THR A 10 0.85 1.52 -9.46
C THR A 10 0.19 1.72 -8.10
N ALA A 11 0.59 2.77 -7.40
CA ALA A 11 0.04 3.07 -6.09
C ALA A 11 -1.49 3.12 -6.14
N GLU A 12 -2.03 3.89 -7.07
CA GLU A 12 -3.47 4.02 -7.21
C GLU A 12 -4.13 2.65 -7.34
N LYS A 13 -3.59 1.82 -8.22
CA LYS A 13 -4.12 0.47 -8.44
C LYS A 13 -4.02 -0.36 -7.17
N VAL A 14 -2.85 -0.31 -6.54
CA VAL A 14 -2.61 -1.06 -5.30
C VAL A 14 -3.64 -0.70 -4.24
N VAL A 15 -4.04 0.56 -4.20
CA VAL A 15 -5.02 1.03 -3.24
C VAL A 15 -6.30 0.22 -3.31
N SER A 16 -6.77 -0.01 -4.53
CA SER A 16 -8.00 -0.77 -4.74
C SER A 16 -7.90 -2.15 -4.12
N LEU A 17 -6.70 -2.73 -4.16
CA LEU A 17 -6.47 -4.05 -3.59
C LEU A 17 -6.64 -4.05 -2.08
N ILE A 18 -6.26 -2.93 -1.45
CA ILE A 18 -6.38 -2.78 -0.01
C ILE A 18 -7.85 -2.78 0.42
N ASN A 19 -8.65 -1.95 -0.24
CA ASN A 19 -10.07 -1.84 0.08
C ASN A 19 -10.76 -3.19 -0.12
N ALA A 20 -10.14 -4.07 -0.88
CA ALA A 20 -10.69 -5.39 -1.15
C ALA A 20 -10.80 -6.21 0.14
N GLY A 21 -10.04 -5.82 1.15
CA GLY A 21 -10.06 -6.53 2.42
C GLY A 21 -9.22 -7.78 2.39
N LEU A 22 -7.93 -7.64 2.67
CA LEU A 22 -7.01 -8.78 2.68
C LEU A 22 -5.74 -8.43 3.43
N THR A 23 -4.95 -9.46 3.74
CA THR A 23 -3.69 -9.27 4.46
C THR A 23 -2.61 -8.73 3.54
N VAL A 24 -1.75 -7.88 4.08
CA VAL A 24 -0.66 -7.28 3.30
C VAL A 24 0.15 -8.35 2.58
N GLY A 25 0.21 -9.55 3.18
CA GLY A 25 0.95 -10.63 2.58
C GLY A 25 0.54 -10.90 1.14
N SER A 26 -0.74 -10.70 0.85
CA SER A 26 -1.26 -10.93 -0.49
C SER A 26 -0.61 -9.97 -1.49
N ILE A 27 -0.17 -8.81 -0.99
CA ILE A 27 0.46 -7.82 -1.85
C ILE A 27 1.80 -8.31 -2.37
N ILE A 28 2.60 -8.91 -1.49
CA ILE A 28 3.91 -9.44 -1.87
C ILE A 28 3.77 -10.52 -2.94
N SER A 29 2.74 -11.35 -2.81
CA SER A 29 2.49 -12.42 -3.76
C SER A 29 2.39 -11.88 -5.18
N ILE A 30 1.84 -10.68 -5.31
CA ILE A 30 1.69 -10.04 -6.61
C ILE A 30 3.02 -9.48 -7.11
N LEU A 31 3.58 -8.53 -6.35
CA LEU A 31 4.84 -7.91 -6.71
C LEU A 31 5.90 -8.98 -7.00
N GLY A 32 5.94 -10.01 -6.17
CA GLY A 32 6.91 -11.07 -6.35
C GLY A 32 8.33 -10.55 -6.47
N GLY A 33 8.78 -9.81 -5.46
CA GLY A 33 10.12 -9.26 -5.47
C GLY A 33 10.62 -8.90 -4.09
N VAL A 34 10.59 -9.87 -3.18
CA VAL A 34 11.04 -9.65 -1.81
C VAL A 34 10.41 -8.39 -1.23
N THR A 35 9.09 -8.31 -1.30
CA THR A 35 8.36 -7.16 -0.76
C THR A 35 8.03 -7.35 0.71
N VAL A 36 8.60 -8.39 1.31
CA VAL A 36 8.36 -8.68 2.72
C VAL A 36 8.73 -7.48 3.59
N GLY A 37 9.61 -6.64 3.08
CA GLY A 37 10.03 -5.47 3.83
C GLY A 37 8.98 -4.37 3.82
N LEU A 38 8.41 -4.11 2.64
CA LEU A 38 7.37 -3.09 2.51
C LEU A 38 6.11 -3.46 3.27
N SER A 39 5.95 -4.76 3.54
CA SER A 39 4.79 -5.25 4.26
C SER A 39 4.64 -4.54 5.60
N GLY A 40 5.77 -4.10 6.16
CA GLY A 40 5.74 -3.41 7.44
C GLY A 40 5.29 -1.96 7.30
N VAL A 41 5.44 -1.42 6.10
CA VAL A 41 5.04 -0.03 5.84
C VAL A 41 3.62 0.05 5.32
N PHE A 42 3.16 -1.03 4.68
CA PHE A 42 1.82 -1.08 4.14
C PHE A 42 0.77 -0.84 5.23
N THR A 43 0.89 -1.60 6.32
CA THR A 43 -0.04 -1.47 7.43
C THR A 43 -0.07 -0.04 7.96
N ALA A 44 1.11 0.56 8.13
CA ALA A 44 1.22 1.92 8.63
C ALA A 44 0.47 2.90 7.73
N VAL A 45 0.58 2.68 6.42
CA VAL A 45 -0.09 3.55 5.45
C VAL A 45 -1.59 3.33 5.47
N LYS A 46 -2.01 2.07 5.52
CA LYS A 46 -3.42 1.73 5.53
C LYS A 46 -4.15 2.49 6.66
N ALA A 47 -3.61 2.40 7.86
CA ALA A 47 -4.19 3.07 9.01
C ALA A 47 -4.34 4.57 8.76
N ALA A 48 -3.37 5.14 8.07
CA ALA A 48 -3.39 6.57 7.75
C ALA A 48 -4.65 6.94 6.98
N ILE A 49 -5.18 5.99 6.22
CA ILE A 49 -6.38 6.21 5.43
C ILE A 49 -7.54 6.67 6.31
N ALA A 50 -7.84 5.89 7.34
CA ALA A 50 -8.92 6.22 8.26
C ALA A 50 -8.60 7.49 9.03
N LYS A 51 -7.32 7.80 9.16
CA LYS A 51 -6.88 8.99 9.88
C LYS A 51 -7.09 10.25 9.04
N GLN A 52 -6.80 10.14 7.75
CA GLN A 52 -6.96 11.27 6.84
C GLN A 52 -7.86 10.91 5.67
N GLY A 53 -7.37 10.03 4.80
CA GLY A 53 -8.15 9.62 3.65
C GLY A 53 -7.32 8.87 2.62
N ILE A 54 -7.99 8.05 1.81
CA ILE A 54 -7.29 7.27 0.79
C ILE A 54 -6.40 8.17 -0.08
N LYS A 55 -6.85 9.39 -0.32
CA LYS A 55 -6.10 10.34 -1.12
C LYS A 55 -4.71 10.56 -0.53
N LYS A 56 -4.65 10.74 0.78
CA LYS A 56 -3.38 10.96 1.46
C LYS A 56 -2.49 9.72 1.38
N ALA A 57 -3.13 8.55 1.40
CA ALA A 57 -2.40 7.29 1.33
C ALA A 57 -1.50 7.24 0.10
N ILE A 58 -1.98 7.83 -1.00
CA ILE A 58 -1.22 7.85 -2.25
C ILE A 58 0.11 8.56 -2.06
N GLN A 59 0.06 9.78 -1.54
CA GLN A 59 1.26 10.57 -1.31
C GLN A 59 2.26 9.81 -0.45
N LEU A 60 1.74 9.00 0.46
CA LEU A 60 2.59 8.21 1.36
C LEU A 60 3.38 7.16 0.57
N LEU A 1 2.86 5.88 0.19
CA LEU A 1 3.42 4.90 -0.73
C LEU A 1 4.41 5.55 -1.69
N VAL A 2 3.96 6.60 -2.38
CA VAL A 2 4.80 7.32 -3.32
C VAL A 2 6.01 7.92 -2.62
N ALA A 3 5.77 8.65 -1.55
CA ALA A 3 6.83 9.29 -0.79
C ALA A 3 7.76 8.25 -0.16
N TYR A 4 7.20 7.08 0.13
CA TYR A 4 7.98 6.00 0.74
C TYR A 4 8.90 5.35 -0.28
N GLY A 5 8.33 4.97 -1.43
CA GLY A 5 9.12 4.34 -2.47
C GLY A 5 8.26 3.66 -3.51
N ILE A 6 7.07 3.22 -3.11
CA ILE A 6 6.15 2.55 -4.01
C ILE A 6 5.83 3.42 -5.23
N ALA A 7 6.03 2.87 -6.41
CA ALA A 7 5.76 3.59 -7.65
C ALA A 7 4.36 4.20 -7.64
N GLN A 8 4.27 5.47 -8.02
CA GLN A 8 2.98 6.16 -8.04
C GLN A 8 2.04 5.53 -9.07
N GLY A 9 2.58 5.19 -10.23
CA GLY A 9 1.78 4.57 -11.28
C GLY A 9 1.06 3.33 -10.79
N THR A 10 1.80 2.44 -10.13
CA THR A 10 1.22 1.20 -9.62
C THR A 10 0.43 1.45 -8.35
N ALA A 11 0.85 2.45 -7.57
CA ALA A 11 0.18 2.79 -6.33
C ALA A 11 -1.33 2.98 -6.56
N GLU A 12 -1.69 3.43 -7.75
CA GLU A 12 -3.09 3.66 -8.09
C GLU A 12 -3.89 2.38 -7.94
N LYS A 13 -3.48 1.34 -8.66
CA LYS A 13 -4.16 0.05 -8.62
C LYS A 13 -3.98 -0.61 -7.25
N VAL A 14 -2.82 -0.39 -6.64
CA VAL A 14 -2.53 -0.97 -5.34
C VAL A 14 -3.57 -0.56 -4.30
N VAL A 15 -3.98 0.71 -4.36
CA VAL A 15 -4.98 1.23 -3.44
C VAL A 15 -6.26 0.42 -3.50
N SER A 16 -6.65 0.03 -4.71
CA SER A 16 -7.87 -0.75 -4.91
C SER A 16 -7.79 -2.08 -4.16
N LEU A 17 -6.60 -2.66 -4.14
CA LEU A 17 -6.40 -3.94 -3.46
C LEU A 17 -6.60 -3.79 -1.95
N ILE A 18 -6.16 -2.66 -1.41
CA ILE A 18 -6.30 -2.40 0.01
C ILE A 18 -7.77 -2.27 0.41
N ASN A 19 -8.51 -1.45 -0.32
CA ASN A 19 -9.92 -1.25 -0.05
C ASN A 19 -10.69 -2.57 -0.13
N ALA A 20 -10.17 -3.51 -0.91
CA ALA A 20 -10.80 -4.81 -1.08
C ALA A 20 -10.80 -5.58 0.24
N GLY A 21 -9.91 -5.19 1.15
CA GLY A 21 -9.83 -5.86 2.44
C GLY A 21 -8.77 -6.94 2.45
N LEU A 22 -7.85 -6.88 1.51
CA LEU A 22 -6.77 -7.87 1.41
C LEU A 22 -5.78 -7.69 2.55
N THR A 23 -5.06 -8.76 2.87
CA THR A 23 -4.06 -8.73 3.94
C THR A 23 -2.73 -8.19 3.43
N VAL A 24 -2.00 -7.50 4.30
CA VAL A 24 -0.71 -6.94 3.94
C VAL A 24 0.20 -7.99 3.31
N GLY A 25 0.13 -9.20 3.84
CA GLY A 25 0.95 -10.28 3.32
C GLY A 25 0.57 -10.66 1.90
N SER A 26 -0.71 -10.56 1.59
CA SER A 26 -1.21 -10.91 0.26
C SER A 26 -0.63 -9.96 -0.79
N ILE A 27 -0.29 -8.75 -0.37
CA ILE A 27 0.26 -7.75 -1.27
C ILE A 27 1.57 -8.23 -1.88
N ILE A 28 2.45 -8.77 -1.05
CA ILE A 28 3.73 -9.28 -1.52
C ILE A 28 3.55 -10.40 -2.53
N SER A 29 2.58 -11.27 -2.27
CA SER A 29 2.29 -12.39 -3.16
C SER A 29 1.83 -11.90 -4.53
N ILE A 30 1.15 -10.76 -4.54
CA ILE A 30 0.65 -10.17 -5.78
C ILE A 30 1.79 -9.62 -6.62
N LEU A 31 2.52 -8.66 -6.08
CA LEU A 31 3.64 -8.06 -6.78
C LEU A 31 4.71 -9.09 -7.10
N GLY A 32 4.99 -9.97 -6.13
CA GLY A 32 5.99 -11.00 -6.34
C GLY A 32 7.31 -10.45 -6.84
N GLY A 33 7.65 -9.24 -6.38
CA GLY A 33 8.89 -8.62 -6.80
C GLY A 33 9.73 -8.15 -5.62
N VAL A 34 10.13 -9.09 -4.77
CA VAL A 34 10.93 -8.78 -3.61
C VAL A 34 10.34 -7.61 -2.82
N THR A 35 9.08 -7.76 -2.42
CA THR A 35 8.39 -6.72 -1.67
C THR A 35 8.65 -6.86 -0.17
N VAL A 36 9.54 -7.78 0.18
CA VAL A 36 9.89 -8.02 1.59
C VAL A 36 10.33 -6.73 2.27
N GLY A 37 9.42 -6.12 3.02
CA GLY A 37 9.73 -4.88 3.72
C GLY A 37 8.60 -3.89 3.68
N LEU A 38 7.97 -3.75 2.51
CA LEU A 38 6.86 -2.82 2.33
C LEU A 38 5.65 -3.26 3.16
N SER A 39 5.65 -4.52 3.59
CA SER A 39 4.55 -5.05 4.38
C SER A 39 4.56 -4.45 5.79
N GLY A 40 5.75 -4.24 6.33
CA GLY A 40 5.87 -3.68 7.67
C GLY A 40 5.41 -2.23 7.72
N VAL A 41 5.36 -1.58 6.55
CA VAL A 41 4.94 -0.19 6.47
C VAL A 41 3.53 -0.08 5.91
N PHE A 42 3.12 -1.09 5.15
CA PHE A 42 1.78 -1.10 4.55
C PHE A 42 0.71 -0.86 5.61
N THR A 43 0.77 -1.63 6.68
CA THR A 43 -0.20 -1.51 7.76
C THR A 43 -0.27 -0.07 8.28
N ALA A 44 0.90 0.56 8.43
CA ALA A 44 0.96 1.93 8.91
C ALA A 44 0.22 2.88 7.97
N VAL A 45 0.41 2.68 6.67
CA VAL A 45 -0.23 3.51 5.66
C VAL A 45 -1.72 3.23 5.59
N LYS A 46 -2.09 1.96 5.68
CA LYS A 46 -3.48 1.55 5.63
C LYS A 46 -4.31 2.29 6.67
N ALA A 47 -3.86 2.23 7.92
CA ALA A 47 -4.56 2.91 9.01
C ALA A 47 -4.61 4.42 8.78
N ALA A 48 -3.60 4.95 8.09
CA ALA A 48 -3.55 6.37 7.80
C ALA A 48 -4.79 6.82 7.02
N ILE A 49 -5.37 5.91 6.25
CA ILE A 49 -6.55 6.21 5.46
C ILE A 49 -7.67 6.74 6.35
N ALA A 50 -8.05 5.97 7.37
CA ALA A 50 -9.11 6.37 8.28
C ALA A 50 -8.70 7.60 9.08
N LYS A 51 -7.40 7.81 9.22
CA LYS A 51 -6.88 8.95 9.97
C LYS A 51 -6.99 10.22 9.14
N GLN A 52 -6.78 10.10 7.84
CA GLN A 52 -6.87 11.25 6.94
C GLN A 52 -7.75 10.95 5.74
N GLY A 53 -7.26 10.10 4.85
CA GLY A 53 -8.03 9.73 3.66
C GLY A 53 -7.22 8.92 2.67
N ILE A 54 -7.90 8.15 1.84
CA ILE A 54 -7.24 7.33 0.84
C ILE A 54 -6.31 8.17 -0.03
N LYS A 55 -6.78 9.35 -0.42
CA LYS A 55 -5.99 10.26 -1.25
C LYS A 55 -4.62 10.49 -0.64
N LYS A 56 -4.58 10.75 0.66
CA LYS A 56 -3.33 11.00 1.37
C LYS A 56 -2.46 9.74 1.39
N ALA A 57 -3.11 8.59 1.46
CA ALA A 57 -2.40 7.32 1.47
C ALA A 57 -1.47 7.18 0.27
N ILE A 58 -1.94 7.67 -0.88
CA ILE A 58 -1.16 7.60 -2.11
C ILE A 58 0.17 8.31 -1.95
N GLN A 59 0.13 9.55 -1.46
CA GLN A 59 1.34 10.33 -1.25
C GLN A 59 2.33 9.59 -0.35
N LEU A 60 1.80 8.78 0.57
CA LEU A 60 2.62 8.02 1.49
C LEU A 60 3.44 6.97 0.74
N LEU A 1 2.67 6.18 -0.07
CA LEU A 1 3.32 5.25 -0.97
C LEU A 1 4.36 5.96 -1.84
N VAL A 2 3.92 7.02 -2.52
CA VAL A 2 4.80 7.79 -3.39
C VAL A 2 5.92 8.45 -2.58
N ALA A 3 5.54 9.12 -1.50
CA ALA A 3 6.52 9.78 -0.64
C ALA A 3 7.45 8.78 0.02
N TYR A 4 6.96 7.58 0.25
CA TYR A 4 7.76 6.52 0.86
C TYR A 4 8.78 5.96 -0.11
N GLY A 5 8.33 5.65 -1.33
CA GLY A 5 9.23 5.12 -2.34
C GLY A 5 8.48 4.38 -3.44
N ILE A 6 7.32 3.83 -3.10
CA ILE A 6 6.50 3.10 -4.06
C ILE A 6 6.17 3.97 -5.27
N ALA A 7 6.36 3.41 -6.46
CA ALA A 7 6.08 4.14 -7.70
C ALA A 7 4.67 4.72 -7.67
N GLN A 8 4.53 5.94 -8.18
CA GLN A 8 3.23 6.61 -8.21
C GLN A 8 2.28 5.91 -9.18
N GLY A 9 2.81 5.54 -10.35
CA GLY A 9 2.00 4.87 -11.35
C GLY A 9 1.35 3.61 -10.82
N THR A 10 2.15 2.74 -10.21
CA THR A 10 1.64 1.49 -9.66
C THR A 10 0.87 1.73 -8.37
N ALA A 11 1.28 2.76 -7.62
CA ALA A 11 0.62 3.10 -6.37
C ALA A 11 -0.88 3.23 -6.55
N GLU A 12 -1.28 3.96 -7.59
CA GLU A 12 -2.70 4.18 -7.88
C GLU A 12 -3.43 2.84 -7.99
N LYS A 13 -2.88 1.93 -8.79
CA LYS A 13 -3.48 0.62 -8.99
C LYS A 13 -3.48 -0.18 -7.69
N VAL A 14 -2.35 -0.14 -6.99
CA VAL A 14 -2.22 -0.86 -5.73
C VAL A 14 -3.31 -0.45 -4.74
N VAL A 15 -3.70 0.82 -4.78
CA VAL A 15 -4.73 1.33 -3.89
C VAL A 15 -6.02 0.53 -4.02
N SER A 16 -6.26 0.00 -5.22
CA SER A 16 -7.45 -0.80 -5.48
C SER A 16 -7.51 -2.01 -4.56
N LEU A 17 -6.36 -2.66 -4.39
CA LEU A 17 -6.28 -3.84 -3.53
C LEU A 17 -6.41 -3.46 -2.06
N ILE A 18 -5.80 -2.35 -1.68
CA ILE A 18 -5.85 -1.88 -0.31
C ILE A 18 -7.27 -1.49 0.08
N ASN A 19 -7.93 -0.71 -0.77
CA ASN A 19 -9.29 -0.26 -0.51
C ASN A 19 -10.22 -1.45 -0.35
N ALA A 20 -9.88 -2.56 -1.00
CA ALA A 20 -10.69 -3.77 -0.93
C ALA A 20 -10.71 -4.34 0.48
N GLY A 21 -9.73 -3.94 1.29
CA GLY A 21 -9.66 -4.42 2.66
C GLY A 21 -8.73 -5.61 2.81
N LEU A 22 -7.92 -5.86 1.78
CA LEU A 22 -6.99 -6.99 1.80
C LEU A 22 -5.79 -6.68 2.70
N THR A 23 -5.38 -7.66 3.49
CA THR A 23 -4.25 -7.50 4.39
C THR A 23 -2.93 -7.58 3.64
N VAL A 24 -1.85 -7.19 4.31
CA VAL A 24 -0.53 -7.22 3.70
C VAL A 24 -0.23 -8.57 3.07
N GLY A 25 -0.81 -9.62 3.64
CA GLY A 25 -0.60 -10.96 3.13
C GLY A 25 -0.92 -11.07 1.65
N SER A 26 -2.11 -10.62 1.27
CA SER A 26 -2.54 -10.68 -0.12
C SER A 26 -1.67 -9.76 -0.99
N ILE A 27 -1.12 -8.72 -0.38
CA ILE A 27 -0.28 -7.78 -1.10
C ILE A 27 1.03 -8.43 -1.53
N ILE A 28 1.70 -9.09 -0.60
CA ILE A 28 2.96 -9.77 -0.89
C ILE A 28 2.81 -10.72 -2.07
N SER A 29 1.66 -11.38 -2.14
CA SER A 29 1.39 -12.34 -3.22
C SER A 29 1.36 -11.63 -4.57
N ILE A 30 0.84 -10.41 -4.58
CA ILE A 30 0.75 -9.63 -5.81
C ILE A 30 2.11 -9.03 -6.17
N LEU A 31 2.85 -8.61 -5.15
CA LEU A 31 4.16 -8.01 -5.36
C LEU A 31 5.03 -8.91 -6.24
N GLY A 32 4.99 -10.21 -5.99
CA GLY A 32 5.77 -11.15 -6.77
C GLY A 32 7.23 -10.76 -6.84
N GLY A 33 7.88 -10.64 -5.69
CA GLY A 33 9.27 -10.28 -5.64
C GLY A 33 9.81 -10.20 -4.23
N VAL A 34 10.91 -9.48 -4.05
CA VAL A 34 11.53 -9.34 -2.73
C VAL A 34 10.79 -8.32 -1.88
N THR A 35 9.49 -8.55 -1.70
CA THR A 35 8.66 -7.65 -0.91
C THR A 35 8.67 -8.05 0.56
N VAL A 36 9.56 -8.98 0.91
CA VAL A 36 9.67 -9.45 2.29
C VAL A 36 10.38 -8.42 3.17
N GLY A 37 9.79 -7.23 3.26
CA GLY A 37 10.37 -6.18 4.08
C GLY A 37 9.77 -4.82 3.79
N LEU A 38 9.45 -4.57 2.52
CA LEU A 38 8.85 -3.30 2.12
C LEU A 38 7.46 -3.14 2.72
N SER A 39 6.82 -4.25 3.03
CA SER A 39 5.48 -4.24 3.60
C SER A 39 5.47 -3.49 4.93
N GLY A 40 6.64 -3.36 5.54
CA GLY A 40 6.74 -2.67 6.81
C GLY A 40 6.10 -1.30 6.78
N VAL A 41 6.07 -0.69 5.60
CA VAL A 41 5.48 0.64 5.44
C VAL A 41 4.02 0.54 5.01
N PHE A 42 3.67 -0.58 4.38
CA PHE A 42 2.31 -0.80 3.92
C PHE A 42 1.31 -0.66 5.07
N THR A 43 1.57 -1.39 6.16
CA THR A 43 0.70 -1.35 7.32
C THR A 43 0.49 0.09 7.81
N ALA A 44 1.57 0.86 7.84
CA ALA A 44 1.50 2.24 8.28
C ALA A 44 0.69 3.09 7.31
N VAL A 45 0.78 2.76 6.02
CA VAL A 45 0.06 3.49 4.99
C VAL A 45 -1.43 3.21 5.06
N LYS A 46 -1.79 1.93 5.07
CA LYS A 46 -3.19 1.52 5.14
C LYS A 46 -3.86 2.07 6.39
N ALA A 47 -3.10 2.14 7.48
CA ALA A 47 -3.62 2.67 8.73
C ALA A 47 -4.00 4.14 8.61
N ALA A 48 -3.18 4.89 7.89
CA ALA A 48 -3.43 6.32 7.69
C ALA A 48 -4.77 6.54 6.97
N ILE A 49 -5.18 5.56 6.18
CA ILE A 49 -6.43 5.65 5.45
C ILE A 49 -7.61 5.90 6.38
N ALA A 50 -7.78 5.03 7.37
CA ALA A 50 -8.86 5.16 8.33
C ALA A 50 -8.72 6.45 9.13
N LYS A 51 -7.51 6.98 9.20
CA LYS A 51 -7.25 8.22 9.93
C LYS A 51 -7.70 9.43 9.12
N GLN A 52 -7.11 9.61 7.95
CA GLN A 52 -7.46 10.72 7.07
C GLN A 52 -8.31 10.26 5.91
N GLY A 53 -7.71 9.48 5.01
CA GLY A 53 -8.43 8.98 3.85
C GLY A 53 -7.51 8.32 2.84
N ILE A 54 -8.08 7.45 2.02
CA ILE A 54 -7.31 6.75 1.00
C ILE A 54 -6.49 7.73 0.15
N LYS A 55 -7.02 8.94 0.01
CA LYS A 55 -6.34 9.97 -0.77
C LYS A 55 -4.93 10.21 -0.24
N LYS A 56 -4.81 10.27 1.08
CA LYS A 56 -3.51 10.49 1.71
C LYS A 56 -2.57 9.32 1.47
N ALA A 57 -3.14 8.13 1.36
CA ALA A 57 -2.35 6.92 1.11
C ALA A 57 -1.54 7.04 -0.17
N ILE A 58 -2.12 7.68 -1.18
CA ILE A 58 -1.45 7.87 -2.45
C ILE A 58 -0.12 8.59 -2.28
N GLN A 59 -0.18 9.81 -1.75
CA GLN A 59 1.02 10.59 -1.52
C GLN A 59 1.98 9.88 -0.58
N LEU A 60 1.43 9.04 0.29
CA LEU A 60 2.24 8.29 1.25
C LEU A 60 3.14 7.30 0.54
N LEU A 1 2.47 5.45 0.00
CA LEU A 1 2.95 4.34 -0.81
C LEU A 1 3.98 4.83 -1.83
N VAL A 2 3.61 5.83 -2.61
CA VAL A 2 4.49 6.39 -3.62
C VAL A 2 5.74 7.00 -2.98
N ALA A 3 5.53 7.84 -1.98
CA ALA A 3 6.63 8.49 -1.28
C ALA A 3 7.50 7.47 -0.56
N TYR A 4 6.88 6.38 -0.10
CA TYR A 4 7.60 5.33 0.60
C TYR A 4 8.43 4.50 -0.36
N GLY A 5 7.80 4.03 -1.43
CA GLY A 5 8.50 3.22 -2.41
C GLY A 5 7.55 2.42 -3.28
N ILE A 6 6.62 3.11 -3.92
CA ILE A 6 5.65 2.45 -4.80
C ILE A 6 5.49 3.20 -6.11
N ALA A 7 5.33 2.46 -7.20
CA ALA A 7 5.16 3.06 -8.52
C ALA A 7 4.04 4.10 -8.50
N GLN A 8 4.17 5.11 -9.37
CA GLN A 8 3.17 6.18 -9.45
C GLN A 8 1.86 5.64 -10.00
N GLY A 9 1.92 5.05 -11.20
CA GLY A 9 0.72 4.51 -11.81
C GLY A 9 0.19 3.29 -11.09
N THR A 10 1.09 2.47 -10.56
CA THR A 10 0.71 1.27 -9.83
C THR A 10 0.16 1.61 -8.45
N ALA A 11 0.58 2.76 -7.92
CA ALA A 11 0.13 3.20 -6.61
C ALA A 11 -1.39 3.16 -6.51
N GLU A 12 -2.06 3.50 -7.60
CA GLU A 12 -3.53 3.50 -7.63
C GLU A 12 -4.07 2.07 -7.63
N LYS A 13 -3.35 1.17 -8.30
CA LYS A 13 -3.75 -0.22 -8.37
C LYS A 13 -3.62 -0.90 -7.02
N VAL A 14 -2.43 -0.83 -6.43
CA VAL A 14 -2.16 -1.43 -5.14
C VAL A 14 -3.19 -0.99 -4.10
N VAL A 15 -3.50 0.31 -4.10
CA VAL A 15 -4.48 0.86 -3.16
C VAL A 15 -5.84 0.21 -3.33
N SER A 16 -6.26 0.08 -4.59
CA SER A 16 -7.56 -0.53 -4.90
C SER A 16 -7.67 -1.92 -4.27
N LEU A 17 -6.55 -2.61 -4.18
CA LEU A 17 -6.51 -3.94 -3.61
C LEU A 17 -6.71 -3.90 -2.09
N ILE A 18 -6.31 -2.77 -1.49
CA ILE A 18 -6.44 -2.60 -0.05
C ILE A 18 -7.91 -2.56 0.37
N ASN A 19 -8.69 -1.74 -0.33
CA ASN A 19 -10.11 -1.61 -0.03
C ASN A 19 -10.82 -2.96 -0.15
N ALA A 20 -10.22 -3.87 -0.91
CA ALA A 20 -10.78 -5.20 -1.11
C ALA A 20 -10.82 -5.98 0.20
N GLY A 21 -10.01 -5.56 1.16
CA GLY A 21 -9.97 -6.23 2.45
C GLY A 21 -8.95 -7.35 2.49
N LEU A 22 -8.07 -7.37 1.48
CA LEU A 22 -7.03 -8.40 1.41
C LEU A 22 -5.92 -8.11 2.42
N THR A 23 -5.21 -9.17 2.83
CA THR A 23 -4.12 -9.04 3.78
C THR A 23 -2.87 -8.51 3.11
N VAL A 24 -2.13 -7.65 3.82
CA VAL A 24 -0.91 -7.06 3.29
C VAL A 24 0.03 -8.15 2.75
N GLY A 25 -0.05 -9.33 3.35
CA GLY A 25 0.79 -10.43 2.91
C GLY A 25 0.62 -10.76 1.44
N SER A 26 -0.63 -10.69 0.97
CA SER A 26 -0.92 -10.98 -0.42
C SER A 26 -0.28 -9.96 -1.35
N ILE A 27 -0.06 -8.76 -0.83
CA ILE A 27 0.55 -7.69 -1.61
C ILE A 27 1.95 -8.08 -2.07
N ILE A 28 2.70 -8.72 -1.19
CA ILE A 28 4.06 -9.15 -1.51
C ILE A 28 4.06 -10.07 -2.73
N SER A 29 3.11 -10.99 -2.78
CA SER A 29 3.00 -11.93 -3.88
C SER A 29 2.89 -11.19 -5.21
N ILE A 30 2.30 -10.00 -5.18
CA ILE A 30 2.13 -9.20 -6.38
C ILE A 30 3.48 -8.66 -6.87
N LEU A 31 4.13 -7.88 -6.02
CA LEU A 31 5.42 -7.29 -6.36
C LEU A 31 6.43 -8.37 -6.72
N GLY A 32 6.41 -9.47 -5.97
CA GLY A 32 7.34 -10.55 -6.23
C GLY A 32 8.78 -10.10 -6.28
N GLY A 33 9.14 -9.17 -5.41
CA GLY A 33 10.50 -8.66 -5.38
C GLY A 33 10.93 -8.24 -3.99
N VAL A 34 11.09 -9.22 -3.10
CA VAL A 34 11.50 -8.95 -1.72
C VAL A 34 10.65 -7.85 -1.10
N THR A 35 9.33 -8.00 -1.21
CA THR A 35 8.40 -7.03 -0.66
C THR A 35 8.09 -7.34 0.80
N VAL A 36 8.79 -8.30 1.37
CA VAL A 36 8.59 -8.69 2.76
C VAL A 36 8.86 -7.52 3.70
N GLY A 37 9.64 -6.55 3.22
CA GLY A 37 9.95 -5.39 4.02
C GLY A 37 8.93 -4.30 3.90
N LEU A 38 8.32 -4.19 2.71
CA LEU A 38 7.31 -3.17 2.46
C LEU A 38 6.07 -3.40 3.31
N SER A 39 5.86 -4.66 3.72
CA SER A 39 4.70 -5.02 4.54
C SER A 39 4.62 -4.12 5.77
N GLY A 40 5.74 -3.97 6.47
CA GLY A 40 5.76 -3.14 7.66
C GLY A 40 5.36 -1.71 7.37
N VAL A 41 5.45 -1.31 6.10
CA VAL A 41 5.10 0.04 5.70
C VAL A 41 3.65 0.12 5.22
N PHE A 42 3.22 -0.91 4.49
CA PHE A 42 1.86 -0.95 3.99
C PHE A 42 0.84 -0.72 5.10
N THR A 43 0.99 -1.48 6.19
CA THR A 43 0.08 -1.35 7.33
C THR A 43 0.02 0.09 7.82
N ALA A 44 1.17 0.76 7.84
CA ALA A 44 1.24 2.15 8.29
C ALA A 44 0.45 3.06 7.36
N VAL A 45 0.44 2.72 6.08
CA VAL A 45 -0.29 3.52 5.09
C VAL A 45 -1.79 3.37 5.26
N LYS A 46 -2.26 2.13 5.35
CA LYS A 46 -3.68 1.85 5.51
C LYS A 46 -4.23 2.56 6.75
N ALA A 47 -3.51 2.45 7.86
CA ALA A 47 -3.93 3.09 9.10
C ALA A 47 -4.03 4.59 8.95
N ALA A 48 -3.12 5.17 8.17
CA ALA A 48 -3.11 6.61 7.94
C ALA A 48 -4.41 7.06 7.28
N ILE A 49 -5.07 6.14 6.57
CA ILE A 49 -6.31 6.45 5.89
C ILE A 49 -7.35 6.99 6.87
N ALA A 50 -7.63 6.22 7.91
CA ALA A 50 -8.60 6.62 8.92
C ALA A 50 -8.17 7.91 9.62
N LYS A 51 -6.86 8.18 9.60
CA LYS A 51 -6.32 9.37 10.23
C LYS A 51 -6.58 10.61 9.37
N GLN A 52 -6.14 10.55 8.11
CA GLN A 52 -6.33 11.66 7.19
C GLN A 52 -7.32 11.30 6.09
N GLY A 53 -6.92 10.41 5.21
CA GLY A 53 -7.79 9.99 4.12
C GLY A 53 -7.07 9.14 3.09
N ILE A 54 -7.84 8.32 2.37
CA ILE A 54 -7.26 7.45 1.34
C ILE A 54 -6.37 8.24 0.38
N LYS A 55 -6.74 9.49 0.14
CA LYS A 55 -5.97 10.35 -0.75
C LYS A 55 -4.51 10.40 -0.34
N LYS A 56 -4.27 10.58 0.96
CA LYS A 56 -2.91 10.64 1.48
C LYS A 56 -2.20 9.30 1.32
N ALA A 57 -2.97 8.21 1.39
CA ALA A 57 -2.41 6.87 1.24
C ALA A 57 -1.64 6.73 -0.06
N ILE A 58 -2.19 7.32 -1.13
CA ILE A 58 -1.55 7.26 -2.44
C ILE A 58 -0.15 7.86 -2.40
N GLN A 59 -0.07 9.13 -2.01
CA GLN A 59 1.21 9.82 -1.93
C GLN A 59 2.15 9.12 -0.94
N LEU A 60 1.56 8.46 0.05
CA LEU A 60 2.35 7.75 1.05
C LEU A 60 3.09 6.58 0.43
#